data_6L1A
#
_entry.id   6L1A
#
_cell.length_a   58.828
_cell.length_b   128.427
_cell.length_c   148.889
_cell.angle_alpha   90.000
_cell.angle_beta   90.000
_cell.angle_gamma   90.000
#
_symmetry.space_group_name_H-M   'P 21 21 21'
#
loop_
_entity.id
_entity.type
_entity.pdbx_description
1 polymer 'Bifunctional cytochrome P450/NADPH--P450 reductase'
2 non-polymer 'PROTOPORPHYRIN IX CONTAINING FE'
3 non-polymer 'DIMETHYL SULFOXIDE'
4 non-polymer GLYCEROL
5 non-polymer '(2S)-2-[[(2S)-1-heptanoylpyrrolidin-2-yl]carbonylamino]-3-phenyl-propanoic acid'
6 water water
#
_entity_poly.entity_id   1
_entity_poly.type   'polypeptide(L)'
_entity_poly.pdbx_seq_one_letter_code
;MTIKEMPQPKTFGELKNLPLLNTDKPVQALMKIADELGEIFKFEAPGRVTRYLSSQRLIKEACDESRFDKNLSQALKFVR
DFAGDGLFTSWTHEKNWKKAHNILLPSFSQQAMKGYHAMMVDIAVQLVQKWERLNADEHIEVPEDMTRLTLDTIGLCGFN
YRFNSFYRDQPHPFITSMVRALDEAMNKLQRANPDDPAYDENKRQFQEDIKVMNDLVDKIIADRKASGEQSDDLLTHMLN
GKDPETGEPLDDENIRYQIITFLIAGHETTSGLLSFALYFLVKNPHVLQKAAEEAARVLVDPVPSYKQVKQLKYVGMVLN
EALRLWPTAPAFSLYAKEDTVLGGEYPLEKGDELMVLIPQLHRDKTIWGDDVEEFRPERFENPSAIPQHAFKPFGNGQRA
CIGQQFALHEATLVLGMMLKHFDFEDHTNYELDIKETLTLKPEGFVVKAKSKKIPL
;
_entity_poly.pdbx_strand_id   A,B
#
# COMPACT_ATOMS: atom_id res chain seq x y z
N ILE A 3 -22.28 55.90 -14.46
CA ILE A 3 -21.33 54.86 -14.99
C ILE A 3 -19.89 55.29 -14.63
N LYS A 4 -19.11 54.40 -13.98
CA LYS A 4 -17.70 54.59 -13.55
C LYS A 4 -16.75 53.80 -14.46
N GLU A 5 -15.48 54.19 -14.49
CA GLU A 5 -14.36 53.38 -15.03
C GLU A 5 -13.92 52.40 -13.93
N MET A 6 -13.69 51.14 -14.26
CA MET A 6 -13.26 50.15 -13.25
C MET A 6 -11.74 50.15 -13.21
N PRO A 7 -11.15 49.95 -12.03
CA PRO A 7 -9.69 49.87 -11.93
C PRO A 7 -9.14 48.61 -12.60
N GLN A 8 -7.82 48.61 -12.73
CA GLN A 8 -7.02 47.60 -13.47
C GLN A 8 -5.67 47.54 -12.79
N PRO A 9 -5.14 46.33 -12.50
CA PRO A 9 -3.81 46.19 -11.90
C PRO A 9 -2.69 46.53 -12.89
N LYS A 10 -1.45 46.49 -12.40
CA LYS A 10 -0.27 46.99 -13.14
C LYS A 10 -0.10 46.22 -14.44
N THR A 11 0.45 46.88 -15.47
CA THR A 11 0.56 46.32 -16.83
C THR A 11 2.04 46.13 -17.17
N PHE A 12 2.30 45.35 -18.21
CA PHE A 12 3.65 44.91 -18.62
C PHE A 12 3.78 45.16 -20.12
N GLY A 13 3.60 46.42 -20.50
CA GLY A 13 3.52 46.84 -21.91
C GLY A 13 2.52 45.99 -22.68
N GLU A 14 2.97 45.42 -23.80
CA GLU A 14 2.14 44.66 -24.79
C GLU A 14 1.50 43.40 -24.14
N LEU A 15 2.07 42.88 -23.06
CA LEU A 15 1.55 41.67 -22.35
C LEU A 15 0.39 42.06 -21.42
N LYS A 16 0.08 43.35 -21.33
CA LYS A 16 -1.00 43.92 -20.51
C LYS A 16 -0.87 43.34 -19.09
N ASN A 17 -1.87 42.60 -18.59
CA ASN A 17 -1.84 42.05 -17.20
C ASN A 17 -1.34 40.60 -17.16
N LEU A 18 -1.07 39.95 -18.29
CA LEU A 18 -0.81 38.48 -18.31
C LEU A 18 0.32 38.07 -17.35
N PRO A 19 1.45 38.82 -17.23
CA PRO A 19 2.52 38.33 -16.37
C PRO A 19 2.12 38.27 -14.89
N LEU A 20 1.04 38.93 -14.46
CA LEU A 20 0.45 38.78 -13.09
C LEU A 20 0.06 37.32 -12.79
N LEU A 21 -0.21 36.52 -13.83
CA LEU A 21 -0.53 35.07 -13.67
C LEU A 21 0.72 34.18 -13.71
N ASN A 22 1.90 34.74 -14.05
CA ASN A 22 3.17 33.98 -14.04
C ASN A 22 3.60 33.76 -12.58
N THR A 23 2.88 32.88 -11.88
CA THR A 23 3.09 32.54 -10.46
C THR A 23 2.48 31.15 -10.24
N ASP A 24 2.98 30.41 -9.25
CA ASP A 24 2.43 29.06 -8.95
C ASP A 24 1.11 29.28 -8.19
N LYS A 25 0.81 30.52 -7.73
CA LYS A 25 -0.37 30.85 -6.89
C LYS A 25 -1.16 32.00 -7.48
N PRO A 26 -1.73 31.79 -8.68
CA PRO A 26 -2.49 32.86 -9.33
C PRO A 26 -3.77 33.32 -8.62
N VAL A 27 -4.55 32.40 -8.01
CA VAL A 27 -5.82 32.78 -7.33
C VAL A 27 -5.48 33.68 -6.14
N GLN A 28 -4.45 33.33 -5.36
CA GLN A 28 -4.05 34.14 -4.19
C GLN A 28 -3.52 35.50 -4.68
N ALA A 29 -2.89 35.56 -5.84
CA ALA A 29 -2.39 36.82 -6.46
C ALA A 29 -3.61 37.69 -6.78
N LEU A 30 -4.66 37.14 -7.40
CA LEU A 30 -5.91 37.88 -7.74
C LEU A 30 -6.65 38.33 -6.47
N MET A 31 -6.62 37.53 -5.42
CA MET A 31 -7.22 37.93 -4.12
C MET A 31 -6.55 39.19 -3.60
N LYS A 32 -5.22 39.23 -3.62
CA LYS A 32 -4.45 40.41 -3.16
C LYS A 32 -4.78 41.61 -4.04
N ILE A 33 -4.95 41.41 -5.34
CA ILE A 33 -5.31 42.51 -6.28
C ILE A 33 -6.73 42.98 -5.92
N ALA A 34 -7.68 42.06 -5.70
CA ALA A 34 -9.06 42.44 -5.26
C ALA A 34 -9.01 43.20 -3.92
N ASP A 35 -8.11 42.86 -3.01
CA ASP A 35 -8.02 43.62 -1.72
C ASP A 35 -7.58 45.05 -2.00
N GLU A 36 -6.67 45.24 -2.96
CA GLU A 36 -6.13 46.57 -3.36
C GLU A 36 -7.19 47.35 -4.12
N LEU A 37 -7.91 46.75 -5.06
CA LEU A 37 -8.69 47.49 -6.08
C LEU A 37 -10.19 47.49 -5.78
N GLY A 38 -10.69 46.55 -4.98
CA GLY A 38 -12.11 46.52 -4.59
C GLY A 38 -12.93 45.48 -5.36
N GLU A 39 -14.22 45.73 -5.47
CA GLU A 39 -15.24 44.72 -5.81
C GLU A 39 -15.19 44.35 -7.30
N ILE A 40 -14.52 45.15 -8.14
CA ILE A 40 -14.40 44.83 -9.59
C ILE A 40 -13.09 45.42 -10.15
N PHE A 41 -12.43 44.65 -10.99
CA PHE A 41 -11.27 45.13 -11.78
C PHE A 41 -11.21 44.42 -13.11
N LYS A 42 -10.69 45.17 -14.08
CA LYS A 42 -10.46 44.75 -15.45
C LYS A 42 -9.16 43.99 -15.45
N PHE A 43 -9.12 42.86 -16.14
CA PHE A 43 -7.87 42.13 -16.34
C PHE A 43 -7.74 41.90 -17.84
N GLU A 44 -6.63 42.34 -18.45
CA GLU A 44 -6.42 42.21 -19.93
C GLU A 44 -5.22 41.32 -20.20
N ALA A 45 -5.31 40.44 -21.20
CA ALA A 45 -4.17 39.70 -21.77
C ALA A 45 -4.19 39.99 -23.26
N PRO A 46 -3.15 39.62 -24.05
CA PRO A 46 -3.22 39.83 -25.50
C PRO A 46 -4.47 39.12 -26.05
N GLY A 47 -5.39 39.88 -26.65
CA GLY A 47 -6.62 39.37 -27.29
C GLY A 47 -7.68 38.88 -26.32
N ARG A 48 -7.63 39.27 -25.03
CA ARG A 48 -8.61 38.74 -24.03
C ARG A 48 -8.82 39.82 -22.98
N VAL A 49 -10.06 40.08 -22.64
CA VAL A 49 -10.39 40.89 -21.44
C VAL A 49 -11.40 40.12 -20.58
N THR A 50 -11.24 40.20 -19.27
CA THR A 50 -12.28 39.75 -18.32
C THR A 50 -12.37 40.75 -17.17
N ARG A 51 -13.42 40.63 -16.37
CA ARG A 51 -13.63 41.46 -15.16
C ARG A 51 -13.80 40.53 -13.97
N TYR A 52 -12.98 40.76 -12.93
CA TYR A 52 -13.00 39.96 -11.68
C TYR A 52 -13.92 40.67 -10.69
N LEU A 53 -14.92 39.91 -10.23
CA LEU A 53 -15.96 40.35 -9.26
C LEU A 53 -15.64 39.79 -7.88
N SER A 54 -15.83 40.58 -6.82
CA SER A 54 -15.49 40.20 -5.44
C SER A 54 -16.64 40.49 -4.46
N SER A 55 -17.61 41.36 -4.81
CA SER A 55 -18.69 41.76 -3.89
C SER A 55 -19.94 40.93 -4.15
N GLN A 56 -20.67 40.62 -3.09
CA GLN A 56 -22.01 39.97 -3.15
C GLN A 56 -22.93 40.87 -3.99
N ARG A 57 -22.77 42.18 -3.90
CA ARG A 57 -23.65 43.15 -4.61
C ARG A 57 -23.59 42.91 -6.12
N LEU A 58 -22.38 42.76 -6.68
CA LEU A 58 -22.19 42.53 -8.13
C LEU A 58 -22.35 41.04 -8.48
N ILE A 59 -21.94 40.14 -7.58
CA ILE A 59 -22.02 38.69 -7.87
C ILE A 59 -23.49 38.25 -7.92
N LYS A 60 -24.34 38.84 -7.10
CA LYS A 60 -25.77 38.42 -7.12
C LYS A 60 -26.35 38.75 -8.50
N GLU A 61 -25.91 39.82 -9.15
CA GLU A 61 -26.42 40.16 -10.51
C GLU A 61 -25.83 39.17 -11.53
N ALA A 62 -24.55 38.85 -11.40
CA ALA A 62 -23.85 37.95 -12.34
C ALA A 62 -24.51 36.57 -12.32
N CYS A 63 -25.07 36.19 -11.18
CA CYS A 63 -25.74 34.88 -10.93
C CYS A 63 -27.21 34.93 -11.40
N ASP A 64 -27.64 36.02 -12.03
CA ASP A 64 -28.94 36.11 -12.74
C ASP A 64 -28.84 35.37 -14.09
N GLU A 65 -29.44 34.19 -14.16
CA GLU A 65 -29.31 33.28 -15.32
C GLU A 65 -30.08 33.84 -16.53
N SER A 66 -30.99 34.80 -16.33
CA SER A 66 -31.64 35.53 -17.45
C SER A 66 -30.60 36.45 -18.14
N ARG A 67 -29.54 36.87 -17.44
CA ARG A 67 -28.59 37.92 -17.95
C ARG A 67 -27.22 37.32 -18.26
N PHE A 68 -26.81 36.27 -17.53
CA PHE A 68 -25.47 35.68 -17.68
C PHE A 68 -25.57 34.16 -17.69
N ASP A 69 -24.74 33.52 -18.52
CA ASP A 69 -24.63 32.06 -18.63
C ASP A 69 -23.19 31.67 -18.26
N LYS A 70 -22.95 30.39 -17.99
CA LYS A 70 -21.57 29.86 -17.76
C LYS A 70 -20.71 30.07 -19.02
N ASN A 71 -19.55 30.66 -18.80
CA ASN A 71 -18.42 30.75 -19.76
C ASN A 71 -17.40 29.66 -19.46
N LEU A 72 -16.78 29.09 -20.51
CA LEU A 72 -15.54 28.32 -20.31
C LEU A 72 -14.39 29.33 -20.26
N SER A 73 -13.80 29.50 -19.07
CA SER A 73 -12.54 30.23 -18.85
C SER A 73 -11.45 29.58 -19.72
N GLN A 74 -10.31 30.25 -19.87
CA GLN A 74 -9.19 29.65 -20.60
C GLN A 74 -8.80 28.34 -19.90
N ALA A 75 -8.87 28.30 -18.57
CA ALA A 75 -8.52 27.06 -17.83
C ALA A 75 -9.44 25.93 -18.30
N LEU A 76 -10.75 26.17 -18.30
CA LEU A 76 -11.72 25.10 -18.65
C LEU A 76 -11.54 24.67 -20.12
N LYS A 77 -11.25 25.63 -21.04
CA LYS A 77 -10.99 25.30 -22.46
C LYS A 77 -9.81 24.33 -22.54
N PHE A 78 -8.76 24.56 -21.74
CA PHE A 78 -7.59 23.63 -21.73
C PHE A 78 -8.01 22.28 -21.12
N VAL A 79 -8.82 22.28 -20.07
CA VAL A 79 -9.30 20.99 -19.49
C VAL A 79 -10.21 20.29 -20.52
N ARG A 80 -10.99 21.03 -21.30
CA ARG A 80 -11.87 20.45 -22.36
C ARG A 80 -11.11 19.52 -23.32
N ASP A 81 -9.82 19.76 -23.55
CA ASP A 81 -9.01 18.87 -24.41
C ASP A 81 -9.00 17.45 -23.87
N PHE A 82 -9.30 17.21 -22.58
CA PHE A 82 -9.42 15.79 -22.11
C PHE A 82 -10.78 15.51 -21.47
N ALA A 83 -11.50 16.52 -20.98
CA ALA A 83 -12.83 16.31 -20.37
C ALA A 83 -13.93 16.47 -21.42
N GLY A 84 -13.59 16.99 -22.59
CA GLY A 84 -14.48 17.03 -23.77
C GLY A 84 -15.81 17.71 -23.46
N ASP A 85 -16.93 17.10 -23.90
CA ASP A 85 -18.25 17.74 -23.65
C ASP A 85 -18.94 17.02 -22.50
N GLY A 86 -18.15 16.63 -21.50
CA GLY A 86 -18.69 16.25 -20.20
C GLY A 86 -19.40 17.45 -19.60
N LEU A 87 -20.10 17.25 -18.50
CA LEU A 87 -20.93 18.31 -17.90
C LEU A 87 -20.10 19.54 -17.55
N PHE A 88 -18.87 19.36 -17.09
CA PHE A 88 -18.08 20.45 -16.48
C PHE A 88 -17.54 21.40 -17.56
N THR A 89 -17.22 20.89 -18.74
CA THR A 89 -16.49 21.63 -19.80
C THR A 89 -17.35 21.79 -21.07
N SER A 90 -18.66 21.57 -20.95
N SER A 90 -18.66 21.54 -20.94
CA SER A 90 -19.67 21.80 -22.02
CA SER A 90 -19.69 21.82 -21.97
C SER A 90 -20.36 23.16 -21.85
C SER A 90 -20.21 23.25 -21.84
N TRP A 91 -20.62 23.82 -22.96
CA TRP A 91 -21.47 25.04 -23.00
C TRP A 91 -22.92 24.63 -22.74
N THR A 92 -23.69 25.50 -22.11
CA THR A 92 -25.11 25.26 -21.75
C THR A 92 -25.89 24.92 -23.02
N HIS A 93 -25.47 25.43 -24.18
CA HIS A 93 -26.26 25.32 -25.44
C HIS A 93 -25.83 24.08 -26.25
N GLU A 94 -24.80 23.34 -25.84
CA GLU A 94 -24.44 22.07 -26.54
C GLU A 94 -25.48 21.02 -26.17
N LYS A 95 -25.98 20.28 -27.16
CA LYS A 95 -27.03 19.24 -26.95
C LYS A 95 -26.63 18.33 -25.75
N ASN A 96 -25.38 17.90 -25.69
CA ASN A 96 -24.87 16.93 -24.69
C ASN A 96 -24.89 17.54 -23.28
N TRP A 97 -24.94 18.86 -23.10
CA TRP A 97 -25.01 19.40 -21.71
C TRP A 97 -26.37 19.00 -21.11
N LYS A 98 -27.44 19.44 -21.74
CA LYS A 98 -28.78 19.27 -21.14
C LYS A 98 -29.10 17.77 -21.08
N LYS A 99 -28.67 17.04 -22.08
CA LYS A 99 -28.97 15.59 -22.19
C LYS A 99 -28.32 14.87 -21.01
N ALA A 100 -27.04 15.10 -20.80
CA ALA A 100 -26.31 14.50 -19.65
C ALA A 100 -26.90 14.98 -18.32
N HIS A 101 -27.18 16.28 -18.20
CA HIS A 101 -27.79 16.90 -16.99
C HIS A 101 -29.07 16.16 -16.62
N ASN A 102 -30.00 16.01 -17.58
CA ASN A 102 -31.30 15.33 -17.33
C ASN A 102 -31.04 13.88 -16.92
N ILE A 103 -30.10 13.17 -17.55
CA ILE A 103 -29.88 11.72 -17.28
C ILE A 103 -29.22 11.59 -15.91
N LEU A 104 -28.26 12.46 -15.58
CA LEU A 104 -27.40 12.26 -14.37
C LEU A 104 -28.02 12.87 -13.11
N LEU A 105 -28.88 13.91 -13.20
CA LEU A 105 -29.39 14.61 -12.01
C LEU A 105 -29.97 13.61 -11.00
N PRO A 106 -30.80 12.62 -11.39
CA PRO A 106 -31.38 11.74 -10.39
C PRO A 106 -30.35 10.86 -9.69
N SER A 107 -29.21 10.59 -10.34
CA SER A 107 -28.09 9.79 -9.78
C SER A 107 -27.31 10.57 -8.71
N PHE A 108 -27.56 11.86 -8.51
CA PHE A 108 -26.72 12.79 -7.70
C PHE A 108 -27.58 13.47 -6.66
N SER A 109 -28.82 13.04 -6.54
CA SER A 109 -29.82 13.64 -5.63
C SER A 109 -29.46 13.23 -4.21
N GLN A 110 -29.96 13.98 -3.24
CA GLN A 110 -29.80 13.57 -1.81
C GLN A 110 -30.30 12.12 -1.65
N GLN A 111 -31.41 11.72 -2.28
CA GLN A 111 -31.95 10.33 -2.22
C GLN A 111 -30.91 9.32 -2.70
N ALA A 112 -30.18 9.61 -3.81
CA ALA A 112 -29.22 8.66 -4.44
C ALA A 112 -28.06 8.36 -3.48
N MET A 113 -27.81 9.25 -2.52
CA MET A 113 -26.68 9.10 -1.58
C MET A 113 -26.93 7.87 -0.68
N LYS A 114 -28.18 7.46 -0.48
CA LYS A 114 -28.49 6.26 0.32
C LYS A 114 -27.81 5.05 -0.34
N GLY A 115 -27.82 5.00 -1.66
CA GLY A 115 -27.22 3.88 -2.42
C GLY A 115 -25.71 3.93 -2.47
N TYR A 116 -25.10 5.11 -2.37
CA TYR A 116 -23.62 5.26 -2.43
C TYR A 116 -22.98 5.09 -1.05
N HIS A 117 -23.76 5.28 0.02
CA HIS A 117 -23.28 5.34 1.42
C HIS A 117 -22.34 4.17 1.72
N ALA A 118 -22.74 2.94 1.37
CA ALA A 118 -22.01 1.71 1.79
C ALA A 118 -20.62 1.72 1.17
N MET A 119 -20.55 2.13 -0.11
N MET A 119 -20.50 2.16 -0.08
CA MET A 119 -19.28 2.24 -0.87
CA MET A 119 -19.18 2.15 -0.75
C MET A 119 -18.41 3.33 -0.22
C MET A 119 -18.36 3.37 -0.29
N MET A 120 -19.00 4.47 0.13
CA MET A 120 -18.26 5.56 0.84
C MET A 120 -17.72 5.02 2.17
N VAL A 121 -18.52 4.24 2.88
CA VAL A 121 -18.08 3.68 4.18
C VAL A 121 -16.89 2.74 3.95
N ASP A 122 -16.92 1.95 2.91
CA ASP A 122 -15.83 1.00 2.58
C ASP A 122 -14.50 1.75 2.55
N ILE A 123 -14.47 2.88 1.85
CA ILE A 123 -13.21 3.63 1.66
C ILE A 123 -12.86 4.39 2.96
N ALA A 124 -13.83 4.96 3.65
CA ALA A 124 -13.61 5.70 4.92
C ALA A 124 -12.98 4.74 5.92
N VAL A 125 -13.48 3.52 5.99
CA VAL A 125 -12.97 2.52 6.96
C VAL A 125 -11.51 2.19 6.59
N GLN A 126 -11.15 2.15 5.31
CA GLN A 126 -9.73 1.94 4.90
C GLN A 126 -8.85 3.09 5.40
N LEU A 127 -9.34 4.31 5.36
CA LEU A 127 -8.60 5.46 5.90
C LEU A 127 -8.44 5.28 7.42
N VAL A 128 -9.51 5.00 8.15
CA VAL A 128 -9.39 4.89 9.63
C VAL A 128 -8.38 3.77 9.94
N GLN A 129 -8.45 2.65 9.24
N GLN A 129 -8.47 2.64 9.23
CA GLN A 129 -7.58 1.49 9.55
CA GLN A 129 -7.61 1.46 9.52
C GLN A 129 -6.13 1.87 9.24
C GLN A 129 -6.14 1.82 9.21
N LYS A 130 -5.88 2.61 8.17
CA LYS A 130 -4.50 3.11 7.88
C LYS A 130 -3.96 3.88 9.10
N TRP A 131 -4.73 4.80 9.65
CA TRP A 131 -4.26 5.68 10.75
C TRP A 131 -4.16 4.89 12.06
N GLU A 132 -5.07 3.95 12.30
CA GLU A 132 -5.00 3.05 13.47
C GLU A 132 -3.67 2.27 13.45
N ARG A 133 -3.09 2.02 12.26
CA ARG A 133 -1.95 1.09 12.06
C ARG A 133 -0.65 1.88 12.02
N LEU A 134 -0.69 3.21 12.19
CA LEU A 134 0.61 3.95 12.20
C LEU A 134 1.30 3.70 13.55
N ASN A 135 2.63 3.70 13.55
CA ASN A 135 3.48 3.55 14.75
C ASN A 135 3.51 4.90 15.49
N ALA A 136 3.90 4.88 16.77
CA ALA A 136 3.94 6.08 17.64
C ALA A 136 4.74 7.23 17.02
N ASP A 137 5.85 6.94 16.35
CA ASP A 137 6.78 7.98 15.84
C ASP A 137 6.30 8.57 14.49
N GLU A 138 5.13 8.18 13.98
CA GLU A 138 4.75 8.50 12.57
C GLU A 138 3.73 9.63 12.54
N HIS A 139 3.61 10.29 11.40
CA HIS A 139 2.62 11.37 11.17
C HIS A 139 1.76 11.01 9.94
N ILE A 140 0.72 11.83 9.73
CA ILE A 140 -0.24 11.75 8.59
C ILE A 140 0.11 12.85 7.60
N GLU A 141 0.18 12.51 6.32
CA GLU A 141 0.24 13.45 5.19
C GLU A 141 -1.19 13.70 4.75
N VAL A 142 -1.76 14.81 5.21
CA VAL A 142 -3.24 15.02 5.19
C VAL A 142 -3.75 15.10 3.75
N PRO A 143 -3.34 16.06 2.89
CA PRO A 143 -3.90 16.09 1.54
C PRO A 143 -3.64 14.81 0.75
N GLU A 144 -2.48 14.16 0.99
CA GLU A 144 -2.11 12.90 0.31
C GLU A 144 -3.14 11.82 0.66
N ASP A 145 -3.49 11.62 1.95
CA ASP A 145 -4.47 10.61 2.38
C ASP A 145 -5.91 11.01 2.03
N MET A 146 -6.23 12.29 2.13
CA MET A 146 -7.59 12.73 1.72
C MET A 146 -7.78 12.44 0.22
N THR A 147 -6.77 12.65 -0.62
CA THR A 147 -6.88 12.40 -2.07
C THR A 147 -6.97 10.89 -2.34
N ARG A 148 -6.23 10.04 -1.60
CA ARG A 148 -6.36 8.59 -1.71
C ARG A 148 -7.84 8.26 -1.51
N LEU A 149 -8.45 8.86 -0.49
CA LEU A 149 -9.84 8.52 -0.11
C LEU A 149 -10.79 8.97 -1.22
N THR A 150 -10.73 10.23 -1.63
CA THR A 150 -11.77 10.82 -2.51
C THR A 150 -11.67 10.20 -3.90
N LEU A 151 -10.47 9.96 -4.39
CA LEU A 151 -10.29 9.22 -5.65
C LEU A 151 -10.92 7.82 -5.56
N ASP A 152 -10.66 7.10 -4.48
CA ASP A 152 -11.16 5.71 -4.34
C ASP A 152 -12.68 5.72 -4.24
N THR A 153 -13.24 6.72 -3.59
CA THR A 153 -14.69 6.80 -3.33
C THR A 153 -15.37 6.96 -4.70
N ILE A 154 -14.84 7.86 -5.53
CA ILE A 154 -15.50 8.15 -6.84
C ILE A 154 -15.24 7.00 -7.83
N GLY A 155 -14.10 6.33 -7.74
CA GLY A 155 -13.87 5.12 -8.54
C GLY A 155 -14.88 4.03 -8.23
N LEU A 156 -15.20 3.84 -6.96
N LEU A 156 -15.14 3.76 -6.95
CA LEU A 156 -16.07 2.71 -6.50
CA LEU A 156 -16.12 2.72 -6.56
C LEU A 156 -17.57 3.04 -6.73
C LEU A 156 -17.51 3.16 -7.03
N CYS A 157 -17.99 4.30 -6.52
CA CYS A 157 -19.36 4.79 -6.80
C CYS A 157 -19.53 5.16 -8.26
N GLY A 158 -18.43 5.54 -8.93
CA GLY A 158 -18.43 5.94 -10.35
C GLY A 158 -18.59 4.75 -11.30
N PHE A 159 -17.78 3.71 -11.17
CA PHE A 159 -17.81 2.60 -12.15
C PHE A 159 -17.35 1.29 -11.48
N ASN A 160 -17.57 1.15 -10.18
CA ASN A 160 -17.29 -0.10 -9.42
C ASN A 160 -15.83 -0.54 -9.67
N TYR A 161 -14.91 0.41 -9.70
CA TYR A 161 -13.48 0.19 -9.96
C TYR A 161 -12.75 0.59 -8.67
N ARG A 162 -11.86 -0.30 -8.20
CA ARG A 162 -11.02 -0.01 -7.00
C ARG A 162 -9.63 0.45 -7.47
N PHE A 163 -9.30 1.72 -7.26
CA PHE A 163 -7.93 2.24 -7.51
C PHE A 163 -6.95 1.68 -6.46
N ASN A 164 -7.47 1.27 -5.31
CA ASN A 164 -6.69 0.67 -4.20
C ASN A 164 -5.55 1.62 -3.81
N SER A 165 -5.88 2.88 -3.63
CA SER A 165 -4.89 3.96 -3.34
C SER A 165 -4.19 3.72 -1.99
N PHE A 166 -4.87 3.11 -1.02
CA PHE A 166 -4.26 2.84 0.31
C PHE A 166 -3.31 1.63 0.26
N TYR A 167 -3.20 0.93 -0.88
CA TYR A 167 -2.24 -0.19 -1.09
C TYR A 167 -0.97 0.31 -1.82
N ARG A 168 -0.88 1.59 -2.17
CA ARG A 168 0.23 2.06 -3.06
C ARG A 168 0.89 3.35 -2.59
N ASP A 169 2.17 3.52 -2.99
CA ASP A 169 2.91 4.81 -2.99
C ASP A 169 2.70 5.49 -4.36
N GLN A 170 2.86 4.71 -5.43
CA GLN A 170 2.82 5.18 -6.85
C GLN A 170 1.37 5.24 -7.32
N PRO A 171 0.87 6.41 -7.79
CA PRO A 171 -0.52 6.50 -8.26
C PRO A 171 -0.76 5.52 -9.42
N HIS A 172 -1.94 4.93 -9.44
CA HIS A 172 -2.55 4.31 -10.64
C HIS A 172 -2.13 5.04 -11.92
N PRO A 173 -1.77 4.33 -13.01
CA PRO A 173 -1.40 4.96 -14.29
C PRO A 173 -2.31 6.07 -14.84
N PHE A 174 -3.63 5.85 -14.81
CA PHE A 174 -4.65 6.83 -15.24
C PHE A 174 -4.42 8.17 -14.51
N ILE A 175 -4.17 8.06 -13.21
CA ILE A 175 -4.03 9.20 -12.26
C ILE A 175 -2.74 9.98 -12.58
N THR A 176 -1.66 9.26 -12.90
N THR A 176 -1.65 9.27 -12.87
CA THR A 176 -0.36 9.84 -13.36
CA THR A 176 -0.37 9.90 -13.35
C THR A 176 -0.63 10.76 -14.56
C THR A 176 -0.68 10.80 -14.55
N SER A 177 -1.33 10.25 -15.57
CA SER A 177 -1.70 10.96 -16.81
C SER A 177 -2.66 12.14 -16.50
N MET A 178 -3.67 11.88 -15.68
CA MET A 178 -4.72 12.89 -15.34
C MET A 178 -4.06 14.07 -14.60
N VAL A 179 -3.20 13.79 -13.61
CA VAL A 179 -2.56 14.88 -12.80
C VAL A 179 -1.66 15.69 -13.73
N ARG A 180 -0.92 15.01 -14.60
CA ARG A 180 0.06 15.70 -15.48
C ARG A 180 -0.73 16.53 -16.52
N ALA A 181 -1.85 16.00 -17.05
CA ALA A 181 -2.74 16.74 -17.99
C ALA A 181 -3.29 18.00 -17.31
N LEU A 182 -3.74 17.87 -16.05
CA LEU A 182 -4.27 19.03 -15.29
C LEU A 182 -3.15 20.06 -15.10
N ASP A 183 -1.92 19.59 -14.87
CA ASP A 183 -0.75 20.46 -14.59
C ASP A 183 -0.44 21.24 -15.86
N GLU A 184 -0.48 20.57 -17.00
CA GLU A 184 -0.28 21.21 -18.32
C GLU A 184 -1.35 22.28 -18.56
N ALA A 185 -2.63 21.95 -18.38
CA ALA A 185 -3.76 22.87 -18.66
C ALA A 185 -3.63 24.13 -17.80
N MET A 186 -3.27 23.99 -16.51
CA MET A 186 -3.17 25.20 -15.64
C MET A 186 -1.87 25.97 -15.95
N ASN A 187 -0.81 25.30 -16.40
CA ASN A 187 0.47 25.99 -16.74
C ASN A 187 0.34 26.81 -18.03
N LYS A 188 -0.33 26.26 -19.06
CA LYS A 188 -0.53 26.91 -20.39
C LYS A 188 -1.03 28.35 -20.20
N LEU A 189 -1.89 28.59 -19.21
CA LEU A 189 -2.56 29.89 -18.90
C LEU A 189 -1.59 31.05 -18.83
N GLN A 190 -0.44 30.81 -18.20
CA GLN A 190 0.56 31.83 -17.79
C GLN A 190 1.43 32.25 -18.98
N ARG A 191 1.50 31.41 -20.02
CA ARG A 191 2.65 31.40 -20.97
C ARG A 191 2.68 32.67 -21.80
N ALA A 192 3.64 33.57 -21.51
CA ALA A 192 3.99 34.74 -22.34
C ALA A 192 3.95 34.33 -23.82
N ASN A 193 4.63 33.22 -24.17
CA ASN A 193 4.84 32.73 -25.56
C ASN A 193 4.57 31.22 -25.65
N PRO A 194 3.34 30.77 -25.95
CA PRO A 194 3.02 29.33 -25.92
C PRO A 194 3.64 28.44 -27.00
N ASP A 195 3.99 29.05 -28.15
CA ASP A 195 4.67 28.39 -29.30
C ASP A 195 6.16 28.16 -29.04
N ASP A 196 6.74 28.84 -28.06
CA ASP A 196 8.15 28.66 -27.61
C ASP A 196 8.49 27.17 -27.67
N PRO A 197 9.67 26.77 -28.22
CA PRO A 197 10.10 25.37 -28.23
C PRO A 197 10.36 24.66 -26.88
N ALA A 198 10.59 25.41 -25.78
CA ALA A 198 10.71 24.88 -24.40
C ALA A 198 9.44 24.08 -24.01
N TYR A 199 8.30 24.40 -24.63
CA TYR A 199 6.97 23.80 -24.33
C TYR A 199 6.70 22.62 -25.28
N ASP A 200 7.60 22.29 -26.22
CA ASP A 200 7.39 21.17 -27.19
C ASP A 200 7.20 19.83 -26.45
N GLU A 201 8.03 19.55 -25.44
CA GLU A 201 7.99 18.26 -24.69
C GLU A 201 6.65 18.17 -23.93
N ASN A 202 6.25 19.25 -23.26
CA ASN A 202 4.95 19.40 -22.55
C ASN A 202 3.79 19.06 -23.49
N LYS A 203 3.78 19.61 -24.73
CA LYS A 203 2.66 19.39 -25.69
C LYS A 203 2.65 17.94 -26.17
N ARG A 204 3.83 17.35 -26.37
CA ARG A 204 3.95 15.94 -26.84
C ARG A 204 3.36 15.06 -25.73
N GLN A 205 3.79 15.32 -24.50
CA GLN A 205 3.37 14.59 -23.28
C GLN A 205 1.84 14.70 -23.11
N PHE A 206 1.33 15.93 -23.25
CA PHE A 206 -0.11 16.24 -23.08
C PHE A 206 -0.90 15.25 -23.95
N GLN A 207 -0.59 15.16 -25.27
CA GLN A 207 -1.27 14.25 -26.25
C GLN A 207 -1.18 12.80 -25.75
N GLU A 208 -0.02 12.43 -25.22
CA GLU A 208 0.21 11.07 -24.69
C GLU A 208 -0.75 10.80 -23.52
N ASP A 209 -0.97 11.79 -22.64
CA ASP A 209 -1.77 11.57 -21.40
C ASP A 209 -3.26 11.47 -21.76
N ILE A 210 -3.72 12.30 -22.69
CA ILE A 210 -5.09 12.24 -23.27
C ILE A 210 -5.31 10.80 -23.76
N LYS A 211 -4.37 10.28 -24.55
CA LYS A 211 -4.41 8.90 -25.08
C LYS A 211 -4.55 7.89 -23.93
N VAL A 212 -3.75 8.00 -22.86
CA VAL A 212 -3.80 7.07 -21.70
C VAL A 212 -5.19 7.14 -21.04
N MET A 213 -5.71 8.35 -20.83
CA MET A 213 -6.98 8.50 -20.08
C MET A 213 -8.11 7.86 -20.91
N ASN A 214 -8.16 8.18 -22.21
CA ASN A 214 -9.23 7.68 -23.11
C ASN A 214 -9.11 6.15 -23.21
N ASP A 215 -7.94 5.64 -23.60
CA ASP A 215 -7.75 4.19 -23.87
C ASP A 215 -8.30 3.41 -22.67
N LEU A 216 -8.00 3.86 -21.45
CA LEU A 216 -8.30 3.12 -20.20
C LEU A 216 -9.77 3.26 -19.80
N VAL A 217 -10.36 4.45 -19.89
CA VAL A 217 -11.80 4.67 -19.57
C VAL A 217 -12.67 3.96 -20.65
N ASP A 218 -12.31 4.10 -21.94
CA ASP A 218 -13.04 3.40 -23.04
C ASP A 218 -13.02 1.90 -22.78
N LYS A 219 -11.88 1.37 -22.31
CA LYS A 219 -11.73 -0.08 -22.01
C LYS A 219 -12.71 -0.47 -20.88
N ILE A 220 -12.78 0.37 -19.86
N ILE A 220 -12.82 0.33 -19.82
CA ILE A 220 -13.72 0.24 -18.71
CA ILE A 220 -13.80 -0.01 -18.74
C ILE A 220 -15.16 0.12 -19.23
C ILE A 220 -15.22 0.02 -19.35
N ILE A 221 -15.57 1.06 -20.11
CA ILE A 221 -16.93 1.11 -20.72
C ILE A 221 -17.17 -0.18 -21.53
N ALA A 222 -16.24 -0.50 -22.44
CA ALA A 222 -16.36 -1.63 -23.40
C ALA A 222 -16.44 -2.95 -22.61
N ASP A 223 -15.60 -3.15 -21.58
CA ASP A 223 -15.63 -4.35 -20.69
C ASP A 223 -16.98 -4.42 -19.98
N ARG A 224 -17.55 -3.29 -19.57
CA ARG A 224 -18.83 -3.31 -18.80
C ARG A 224 -19.96 -3.71 -19.76
N LYS A 225 -19.94 -3.24 -21.01
CA LYS A 225 -20.97 -3.63 -22.03
C LYS A 225 -20.86 -5.14 -22.33
N ALA A 226 -19.65 -5.67 -22.58
CA ALA A 226 -19.36 -7.12 -22.70
C ALA A 226 -19.97 -7.95 -21.55
N SER A 227 -19.80 -7.53 -20.28
CA SER A 227 -20.26 -8.19 -19.02
C SER A 227 -21.77 -8.48 -19.05
N GLY A 228 -22.60 -7.46 -19.27
CA GLY A 228 -24.02 -7.48 -18.91
C GLY A 228 -24.25 -7.03 -17.47
N GLU A 229 -23.18 -6.97 -16.68
CA GLU A 229 -23.19 -6.67 -15.21
C GLU A 229 -23.92 -5.34 -14.95
N GLN A 230 -24.70 -5.27 -13.86
CA GLN A 230 -25.61 -4.14 -13.54
C GLN A 230 -25.47 -3.69 -12.07
N SER A 231 -24.28 -3.30 -11.61
CA SER A 231 -24.04 -2.73 -10.24
C SER A 231 -24.73 -1.36 -10.09
N ASP A 232 -24.85 -0.85 -8.86
N ASP A 232 -24.74 -0.86 -8.84
CA ASP A 232 -25.50 0.48 -8.61
CA ASP A 232 -25.35 0.43 -8.41
C ASP A 232 -24.42 1.57 -8.61
C ASP A 232 -24.35 1.57 -8.58
N ASP A 233 -23.81 1.78 -9.78
CA ASP A 233 -22.82 2.84 -10.04
C ASP A 233 -23.33 3.77 -11.15
N LEU A 234 -22.66 4.91 -11.29
CA LEU A 234 -22.99 5.96 -12.28
C LEU A 234 -22.88 5.37 -13.68
N LEU A 235 -21.90 4.47 -13.90
CA LEU A 235 -21.65 3.88 -15.24
C LEU A 235 -22.89 3.10 -15.70
N THR A 236 -23.50 2.33 -14.81
N THR A 236 -23.55 2.34 -14.82
CA THR A 236 -24.77 1.59 -15.07
CA THR A 236 -24.80 1.61 -15.17
C THR A 236 -25.85 2.62 -15.49
C THR A 236 -25.91 2.61 -15.50
N HIS A 237 -26.11 3.63 -14.65
CA HIS A 237 -27.15 4.68 -14.87
C HIS A 237 -26.94 5.35 -16.24
N MET A 238 -25.69 5.58 -16.67
CA MET A 238 -25.35 6.22 -17.98
C MET A 238 -25.53 5.26 -19.15
N LEU A 239 -25.28 3.95 -18.95
CA LEU A 239 -25.42 2.95 -20.04
C LEU A 239 -26.90 2.65 -20.26
N ASN A 240 -27.75 2.83 -19.26
CA ASN A 240 -29.16 2.41 -19.29
C ASN A 240 -30.07 3.65 -19.48
N GLY A 241 -29.67 4.81 -18.96
CA GLY A 241 -30.54 5.99 -18.81
C GLY A 241 -30.93 6.60 -20.14
N LYS A 242 -32.14 7.13 -20.24
CA LYS A 242 -32.61 7.89 -21.43
C LYS A 242 -32.93 9.31 -20.98
N ASP A 243 -32.57 10.31 -21.79
CA ASP A 243 -32.98 11.70 -21.57
C ASP A 243 -34.47 11.81 -21.89
N PRO A 244 -35.33 12.27 -20.96
CA PRO A 244 -36.76 12.42 -21.26
C PRO A 244 -37.05 13.38 -22.40
N GLU A 245 -36.20 14.39 -22.58
CA GLU A 245 -36.42 15.43 -23.62
C GLU A 245 -36.18 14.82 -25.00
N THR A 246 -34.95 14.39 -25.29
CA THR A 246 -34.55 13.87 -26.62
C THR A 246 -35.01 12.42 -26.77
N GLY A 247 -35.24 11.72 -25.64
CA GLY A 247 -35.44 10.27 -25.52
C GLY A 247 -34.18 9.46 -25.78
N GLU A 248 -33.01 10.10 -25.88
CA GLU A 248 -31.77 9.40 -26.31
C GLU A 248 -30.95 9.05 -25.07
N PRO A 249 -30.15 7.97 -25.10
CA PRO A 249 -29.14 7.75 -24.07
C PRO A 249 -27.86 8.53 -24.42
N LEU A 250 -26.92 8.67 -23.47
CA LEU A 250 -25.56 9.17 -23.82
C LEU A 250 -24.87 8.17 -24.77
N ASP A 251 -24.08 8.63 -25.73
CA ASP A 251 -23.19 7.75 -26.52
C ASP A 251 -21.94 7.45 -25.68
N ASP A 252 -21.16 6.46 -26.11
CA ASP A 252 -20.02 5.89 -25.34
C ASP A 252 -18.91 6.95 -25.22
N GLU A 253 -18.74 7.78 -26.23
CA GLU A 253 -17.72 8.84 -26.22
C GLU A 253 -18.08 9.83 -25.09
N ASN A 254 -19.35 10.21 -24.98
CA ASN A 254 -19.72 11.24 -23.97
C ASN A 254 -19.63 10.60 -22.59
N ILE A 255 -19.97 9.32 -22.48
CA ILE A 255 -19.87 8.61 -21.16
C ILE A 255 -18.40 8.67 -20.72
N ARG A 256 -17.48 8.47 -21.66
CA ARG A 256 -16.04 8.49 -21.30
C ARG A 256 -15.68 9.89 -20.76
N TYR A 257 -16.19 10.95 -21.37
CA TYR A 257 -15.95 12.32 -20.87
C TYR A 257 -16.57 12.49 -19.47
N GLN A 258 -17.76 11.94 -19.22
CA GLN A 258 -18.42 12.06 -17.91
C GLN A 258 -17.54 11.37 -16.85
N ILE A 259 -17.05 10.16 -17.12
CA ILE A 259 -16.19 9.45 -16.14
C ILE A 259 -14.88 10.22 -15.87
N ILE A 260 -14.13 10.61 -16.89
CA ILE A 260 -12.93 11.49 -16.71
C ILE A 260 -13.34 12.67 -15.83
N THR A 261 -14.47 13.32 -16.13
CA THR A 261 -14.94 14.52 -15.37
C THR A 261 -15.13 14.19 -13.88
N PHE A 262 -15.82 13.12 -13.55
CA PHE A 262 -16.06 12.68 -12.17
C PHE A 262 -14.74 12.35 -11.47
N LEU A 263 -13.81 11.76 -12.19
CA LEU A 263 -12.50 11.36 -11.59
C LEU A 263 -11.69 12.63 -11.28
N ILE A 264 -11.78 13.66 -12.13
CA ILE A 264 -11.10 14.97 -11.88
C ILE A 264 -11.68 15.51 -10.57
N ALA A 265 -13.00 15.53 -10.43
CA ALA A 265 -13.69 16.11 -9.25
C ALA A 265 -13.25 15.35 -7.98
N GLY A 266 -13.32 14.03 -7.99
CA GLY A 266 -12.98 13.24 -6.78
C GLY A 266 -11.60 13.63 -6.27
N HIS A 267 -10.61 13.42 -7.15
CA HIS A 267 -9.18 13.73 -6.92
C HIS A 267 -8.98 15.17 -6.38
N GLU A 268 -9.64 16.17 -6.96
CA GLU A 268 -9.23 17.60 -6.79
C GLU A 268 -9.99 18.26 -5.63
N THR A 269 -11.32 18.16 -5.58
CA THR A 269 -12.11 19.16 -4.83
C THR A 269 -12.40 18.67 -3.43
N THR A 270 -12.96 17.48 -3.29
CA THR A 270 -13.46 16.99 -1.99
C THR A 270 -12.27 16.78 -1.06
N SER A 271 -11.13 16.38 -1.62
CA SER A 271 -9.89 16.13 -0.83
C SER A 271 -9.38 17.46 -0.28
N GLY A 272 -9.47 18.54 -1.05
CA GLY A 272 -9.14 19.91 -0.62
C GLY A 272 -10.00 20.35 0.57
N LEU A 273 -11.30 20.18 0.47
CA LEU A 273 -12.27 20.50 1.54
C LEU A 273 -11.88 19.75 2.82
N LEU A 274 -11.68 18.45 2.76
CA LEU A 274 -11.37 17.67 3.99
C LEU A 274 -10.04 18.17 4.58
N SER A 275 -9.09 18.49 3.70
CA SER A 275 -7.75 18.95 4.11
C SER A 275 -7.87 20.29 4.84
N PHE A 276 -8.59 21.24 4.25
CA PHE A 276 -8.82 22.58 4.88
C PHE A 276 -9.60 22.44 6.20
N ALA A 277 -10.63 21.61 6.20
CA ALA A 277 -11.48 21.41 7.39
C ALA A 277 -10.57 20.93 8.51
N LEU A 278 -9.72 19.93 8.27
CA LEU A 278 -8.85 19.41 9.36
C LEU A 278 -7.82 20.49 9.77
N TYR A 279 -7.29 21.26 8.83
CA TYR A 279 -6.39 22.38 9.14
C TYR A 279 -7.09 23.32 10.11
N PHE A 280 -8.26 23.82 9.76
CA PHE A 280 -8.97 24.78 10.65
C PHE A 280 -9.32 24.12 12.00
N LEU A 281 -9.63 22.83 12.03
CA LEU A 281 -9.94 22.18 13.33
C LEU A 281 -8.72 22.16 14.24
N VAL A 282 -7.53 21.82 13.74
CA VAL A 282 -6.35 21.73 14.64
C VAL A 282 -5.89 23.14 15.00
N LYS A 283 -6.18 24.17 14.21
CA LYS A 283 -5.85 25.59 14.54
C LYS A 283 -6.89 26.22 15.48
N ASN A 284 -8.04 25.56 15.70
CA ASN A 284 -9.18 26.11 16.46
C ASN A 284 -9.69 25.05 17.43
N PRO A 285 -8.93 24.74 18.50
CA PRO A 285 -9.28 23.64 19.40
C PRO A 285 -10.69 23.69 19.99
N HIS A 286 -11.25 24.89 20.27
CA HIS A 286 -12.64 24.97 20.78
C HIS A 286 -13.59 24.38 19.74
N VAL A 287 -13.35 24.68 18.46
CA VAL A 287 -14.22 24.15 17.37
C VAL A 287 -14.01 22.64 17.29
N LEU A 288 -12.76 22.16 17.32
N LEU A 288 -12.76 22.16 17.32
CA LEU A 288 -12.43 20.71 17.26
CA LEU A 288 -12.46 20.71 17.26
C LEU A 288 -13.21 19.96 18.36
C LEU A 288 -13.28 20.00 18.34
N GLN A 289 -13.24 20.50 19.58
CA GLN A 289 -13.94 19.86 20.73
C GLN A 289 -15.43 19.75 20.40
N LYS A 290 -16.05 20.83 19.89
CA LYS A 290 -17.52 20.84 19.63
C LYS A 290 -17.85 19.82 18.53
N ALA A 291 -17.05 19.75 17.47
CA ALA A 291 -17.25 18.78 16.36
C ALA A 291 -16.99 17.34 16.82
N ALA A 292 -15.97 17.09 17.66
CA ALA A 292 -15.66 15.72 18.15
C ALA A 292 -16.75 15.28 19.14
N GLU A 293 -17.37 16.20 19.90
CA GLU A 293 -18.47 15.88 20.84
C GLU A 293 -19.64 15.31 20.02
N GLU A 294 -19.95 15.98 18.90
CA GLU A 294 -21.07 15.60 18.03
C GLU A 294 -20.78 14.23 17.41
N ALA A 295 -19.59 14.06 16.84
CA ALA A 295 -19.17 12.80 16.22
C ALA A 295 -19.33 11.68 17.24
N ALA A 296 -18.86 11.87 18.48
CA ALA A 296 -18.87 10.79 19.49
C ALA A 296 -20.33 10.45 19.89
N ARG A 297 -21.18 11.47 20.03
CA ARG A 297 -22.59 11.28 20.46
C ARG A 297 -23.41 10.68 19.31
N VAL A 298 -23.17 11.08 18.06
CA VAL A 298 -24.06 10.68 16.94
C VAL A 298 -23.63 9.32 16.36
N LEU A 299 -22.33 9.10 16.15
CA LEU A 299 -21.84 7.89 15.45
C LEU A 299 -21.64 6.75 16.46
N VAL A 300 -22.74 6.17 16.97
CA VAL A 300 -22.73 5.19 18.10
C VAL A 300 -22.45 3.77 17.60
N ASP A 301 -22.50 3.53 16.29
CA ASP A 301 -22.25 2.19 15.71
C ASP A 301 -20.87 2.14 15.06
N PRO A 302 -20.22 0.96 15.03
CA PRO A 302 -18.92 0.82 14.38
C PRO A 302 -18.95 1.23 12.91
N VAL A 303 -20.09 1.01 12.26
CA VAL A 303 -20.36 1.35 10.82
C VAL A 303 -21.38 2.49 10.81
N PRO A 304 -21.01 3.74 10.44
CA PRO A 304 -22.01 4.80 10.37
C PRO A 304 -23.13 4.50 9.35
N SER A 305 -24.36 4.84 9.68
CA SER A 305 -25.52 4.79 8.76
C SER A 305 -25.68 6.13 8.02
N TYR A 306 -26.42 6.08 6.92
CA TYR A 306 -26.82 7.29 6.19
C TYR A 306 -27.47 8.26 7.17
N LYS A 307 -28.46 7.81 7.96
CA LYS A 307 -29.28 8.67 8.84
C LYS A 307 -28.40 9.35 9.90
N GLN A 308 -27.41 8.65 10.41
CA GLN A 308 -26.45 9.22 11.40
C GLN A 308 -25.61 10.33 10.76
N VAL A 309 -25.14 10.14 9.52
CA VAL A 309 -24.33 11.18 8.83
C VAL A 309 -25.19 12.42 8.69
N LYS A 310 -26.49 12.29 8.38
CA LYS A 310 -27.40 13.46 8.26
C LYS A 310 -27.47 14.22 9.60
N GLN A 311 -27.28 13.56 10.74
CA GLN A 311 -27.36 14.19 12.08
C GLN A 311 -26.12 15.01 12.43
N LEU A 312 -25.03 14.90 11.69
CA LEU A 312 -23.75 15.60 12.03
C LEU A 312 -23.88 17.07 11.61
N LYS A 313 -24.76 17.85 12.23
N LYS A 313 -24.77 17.82 12.27
CA LYS A 313 -25.08 19.24 11.78
CA LYS A 313 -25.14 19.24 11.98
C LYS A 313 -23.82 20.10 11.99
C LYS A 313 -23.87 20.08 12.02
N TYR A 314 -23.16 20.03 13.15
CA TYR A 314 -21.98 20.91 13.41
C TYR A 314 -20.84 20.47 12.49
N VAL A 315 -20.67 19.18 12.23
CA VAL A 315 -19.61 18.77 11.26
C VAL A 315 -19.91 19.43 9.90
N GLY A 316 -21.17 19.46 9.47
CA GLY A 316 -21.59 20.17 8.23
C GLY A 316 -21.28 21.66 8.27
N MET A 317 -21.43 22.30 9.44
CA MET A 317 -21.11 23.75 9.63
C MET A 317 -19.60 23.99 9.53
N VAL A 318 -18.82 23.09 10.11
CA VAL A 318 -17.34 23.11 9.93
C VAL A 318 -16.99 23.04 8.44
N LEU A 319 -17.60 22.12 7.68
CA LEU A 319 -17.31 21.97 6.24
C LEU A 319 -17.71 23.26 5.52
N ASN A 320 -18.87 23.82 5.82
CA ASN A 320 -19.31 25.09 5.17
C ASN A 320 -18.34 26.22 5.48
N GLU A 321 -17.86 26.32 6.73
CA GLU A 321 -16.92 27.41 7.13
C GLU A 321 -15.55 27.20 6.47
N ALA A 322 -15.11 25.95 6.20
CA ALA A 322 -13.85 25.72 5.45
C ALA A 322 -14.09 26.13 3.99
N LEU A 323 -15.25 25.80 3.44
CA LEU A 323 -15.64 26.23 2.07
C LEU A 323 -15.73 27.76 1.99
N ARG A 324 -16.15 28.43 3.04
CA ARG A 324 -16.25 29.92 3.03
C ARG A 324 -14.83 30.49 2.89
N LEU A 325 -13.88 30.10 3.75
CA LEU A 325 -12.51 30.69 3.74
C LEU A 325 -11.71 30.20 2.53
N TRP A 326 -11.78 28.93 2.17
CA TRP A 326 -10.96 28.37 1.07
C TRP A 326 -11.82 27.44 0.22
N PRO A 327 -12.72 28.03 -0.60
CA PRO A 327 -13.48 27.24 -1.57
C PRO A 327 -12.48 26.58 -2.52
N THR A 328 -12.48 25.26 -2.57
N THR A 328 -12.46 25.25 -2.49
CA THR A 328 -11.37 24.50 -3.18
CA THR A 328 -11.43 24.43 -3.15
C THR A 328 -11.48 24.57 -4.71
C THR A 328 -11.46 24.73 -4.65
N ALA A 329 -12.66 24.87 -5.24
CA ALA A 329 -12.84 25.31 -6.64
C ALA A 329 -13.07 26.82 -6.61
N PRO A 330 -12.03 27.65 -6.78
CA PRO A 330 -12.10 29.04 -6.28
C PRO A 330 -12.69 30.08 -7.23
N ALA A 331 -13.04 29.70 -8.45
CA ALA A 331 -13.51 30.69 -9.42
C ALA A 331 -14.42 29.99 -10.41
N PHE A 332 -15.36 30.75 -10.95
CA PHE A 332 -16.12 30.34 -12.16
C PHE A 332 -16.32 31.57 -13.02
N SER A 333 -16.58 31.33 -14.31
CA SER A 333 -16.63 32.36 -15.37
C SER A 333 -18.05 32.42 -15.93
N LEU A 334 -18.50 33.62 -16.33
CA LEU A 334 -19.86 33.90 -16.87
C LEU A 334 -19.66 34.80 -18.09
N TYR A 335 -20.60 34.77 -19.04
CA TYR A 335 -20.61 35.75 -20.16
C TYR A 335 -21.98 36.42 -20.20
N ALA A 336 -22.02 37.65 -20.69
CA ALA A 336 -23.26 38.42 -20.82
C ALA A 336 -24.05 37.88 -22.02
N LYS A 337 -25.29 37.45 -21.80
CA LYS A 337 -26.18 36.90 -22.88
C LYS A 337 -26.61 38.02 -23.83
N GLU A 338 -26.77 39.23 -23.28
CA GLU A 338 -27.14 40.48 -24.03
C GLU A 338 -26.39 41.68 -23.44
N ASP A 339 -26.39 42.80 -24.15
CA ASP A 339 -25.93 44.09 -23.57
C ASP A 339 -26.73 44.29 -22.29
N THR A 340 -26.05 44.75 -21.25
CA THR A 340 -26.62 44.92 -19.90
C THR A 340 -25.68 45.82 -19.10
N VAL A 341 -26.18 46.31 -17.99
CA VAL A 341 -25.44 47.24 -17.09
C VAL A 341 -25.27 46.51 -15.76
N LEU A 342 -24.03 46.28 -15.35
CA LEU A 342 -23.72 45.62 -14.06
C LEU A 342 -23.69 46.70 -12.97
N GLY A 343 -24.55 46.53 -11.97
CA GLY A 343 -24.47 47.28 -10.71
C GLY A 343 -24.82 48.74 -10.90
N GLY A 344 -25.64 49.04 -11.91
CA GLY A 344 -26.01 50.41 -12.26
C GLY A 344 -24.84 51.22 -12.78
N GLU A 345 -23.65 50.64 -13.00
CA GLU A 345 -22.43 51.46 -13.20
C GLU A 345 -21.52 50.97 -14.34
N TYR A 346 -21.50 49.68 -14.65
CA TYR A 346 -20.50 49.05 -15.55
C TYR A 346 -21.24 48.47 -16.73
N PRO A 347 -21.26 49.19 -17.88
CA PRO A 347 -21.96 48.72 -19.07
C PRO A 347 -21.15 47.55 -19.62
N LEU A 348 -21.84 46.48 -20.02
CA LEU A 348 -21.23 45.30 -20.67
C LEU A 348 -21.94 45.10 -22.01
N GLU A 349 -21.20 44.59 -22.97
CA GLU A 349 -21.72 44.15 -24.29
C GLU A 349 -21.97 42.64 -24.24
N LYS A 350 -23.00 42.20 -24.95
CA LYS A 350 -23.21 40.77 -25.31
C LYS A 350 -21.84 40.10 -25.46
N GLY A 351 -21.58 38.99 -24.75
CA GLY A 351 -20.35 38.18 -24.92
C GLY A 351 -19.25 38.57 -23.93
N ASP A 352 -19.34 39.70 -23.25
CA ASP A 352 -18.33 40.13 -22.24
C ASP A 352 -18.23 39.08 -21.11
N GLU A 353 -17.00 38.81 -20.65
CA GLU A 353 -16.74 37.80 -19.58
C GLU A 353 -16.60 38.46 -18.19
N LEU A 354 -17.09 37.73 -17.17
CA LEU A 354 -16.91 37.99 -15.73
C LEU A 354 -16.21 36.77 -15.11
N MET A 355 -15.38 36.98 -14.11
CA MET A 355 -14.81 35.88 -13.28
C MET A 355 -15.28 36.17 -11.86
N VAL A 356 -15.90 35.20 -11.23
CA VAL A 356 -16.32 35.27 -9.81
C VAL A 356 -15.18 34.77 -8.96
N LEU A 357 -14.66 35.61 -8.08
CA LEU A 357 -13.51 35.25 -7.21
C LEU A 357 -14.11 34.77 -5.89
N ILE A 358 -14.37 33.46 -5.76
CA ILE A 358 -15.25 32.97 -4.65
C ILE A 358 -14.60 33.31 -3.30
N PRO A 359 -13.27 33.15 -3.09
CA PRO A 359 -12.68 33.43 -1.78
C PRO A 359 -12.94 34.89 -1.38
N GLN A 360 -12.99 35.80 -2.37
CA GLN A 360 -13.22 37.24 -2.09
C GLN A 360 -14.67 37.48 -1.76
N LEU A 361 -15.59 36.88 -2.49
CA LEU A 361 -17.04 36.94 -2.19
C LEU A 361 -17.24 36.56 -0.71
N HIS A 362 -16.59 35.49 -0.31
CA HIS A 362 -16.72 34.87 1.05
C HIS A 362 -16.05 35.75 2.12
N ARG A 363 -15.41 36.84 1.70
CA ARG A 363 -14.75 37.78 2.64
C ARG A 363 -15.43 39.14 2.60
N ASP A 364 -16.59 39.23 1.97
CA ASP A 364 -17.33 40.50 1.87
C ASP A 364 -17.85 40.88 3.26
N LYS A 365 -17.24 41.91 3.85
CA LYS A 365 -17.49 42.29 5.26
C LYS A 365 -18.91 42.79 5.42
N THR A 366 -19.50 43.34 4.34
CA THR A 366 -20.87 43.89 4.35
C THR A 366 -21.85 42.73 4.52
N ILE A 367 -21.43 41.48 4.27
CA ILE A 367 -22.30 40.26 4.43
C ILE A 367 -21.93 39.56 5.74
N TRP A 368 -20.64 39.35 5.97
CA TRP A 368 -20.14 38.43 7.02
C TRP A 368 -19.75 39.17 8.30
N GLY A 369 -19.58 40.49 8.28
CA GLY A 369 -19.15 41.26 9.47
C GLY A 369 -17.65 41.44 9.47
N ASP A 370 -17.10 41.94 10.56
CA ASP A 370 -15.69 42.40 10.56
C ASP A 370 -14.75 41.21 10.77
N ASP A 371 -15.23 40.09 11.30
CA ASP A 371 -14.43 38.91 11.75
C ASP A 371 -14.24 37.90 10.58
N VAL A 372 -14.15 38.34 9.32
CA VAL A 372 -14.30 37.43 8.13
C VAL A 372 -13.14 36.44 8.00
N GLU A 373 -11.95 36.76 8.56
CA GLU A 373 -10.80 35.84 8.52
C GLU A 373 -10.90 34.81 9.63
N GLU A 374 -11.84 34.92 10.56
CA GLU A 374 -11.92 33.97 11.70
C GLU A 374 -12.70 32.74 11.25
N PHE A 375 -12.28 31.58 11.76
CA PHE A 375 -12.94 30.29 11.54
C PHE A 375 -14.02 30.10 12.61
N ARG A 376 -15.28 30.24 12.22
CA ARG A 376 -16.41 30.29 13.15
C ARG A 376 -17.58 29.56 12.52
N PRO A 377 -17.67 28.23 12.68
CA PRO A 377 -18.73 27.47 12.04
C PRO A 377 -20.12 27.94 12.48
N GLU A 378 -20.21 28.60 13.64
CA GLU A 378 -21.49 29.11 14.21
C GLU A 378 -22.16 30.09 13.23
N ARG A 379 -21.42 30.65 12.26
CA ARG A 379 -21.99 31.53 11.21
C ARG A 379 -23.08 30.78 10.47
N PHE A 380 -22.97 29.45 10.42
CA PHE A 380 -23.85 28.60 9.60
C PHE A 380 -24.91 27.89 10.46
N GLU A 381 -25.06 28.27 11.73
N GLU A 381 -25.15 28.30 11.70
CA GLU A 381 -26.07 27.73 12.69
CA GLU A 381 -26.07 27.56 12.62
C GLU A 381 -27.42 27.70 11.96
C GLU A 381 -27.53 27.76 12.15
N ASN A 382 -27.82 28.89 11.49
CA ASN A 382 -29.14 29.16 10.89
C ASN A 382 -28.94 29.38 9.38
N PRO A 383 -29.11 28.36 8.53
CA PRO A 383 -28.91 28.52 7.08
C PRO A 383 -29.61 29.74 6.45
N SER A 384 -30.82 30.06 6.91
CA SER A 384 -31.70 31.07 6.27
C SER A 384 -31.20 32.51 6.56
N ALA A 385 -30.23 32.67 7.44
CA ALA A 385 -29.54 33.95 7.74
C ALA A 385 -28.50 34.31 6.66
N ILE A 386 -28.17 33.41 5.74
CA ILE A 386 -27.13 33.72 4.73
C ILE A 386 -27.84 34.23 3.50
N PRO A 387 -27.55 35.47 3.05
CA PRO A 387 -28.25 36.03 1.90
C PRO A 387 -27.99 35.24 0.61
N GLN A 388 -28.94 35.35 -0.33
CA GLN A 388 -28.89 34.67 -1.65
C GLN A 388 -27.59 35.15 -2.33
N HIS A 389 -26.81 34.21 -2.82
CA HIS A 389 -25.59 34.46 -3.62
C HIS A 389 -24.44 35.04 -2.78
N ALA A 390 -24.50 34.98 -1.44
CA ALA A 390 -23.37 35.32 -0.56
C ALA A 390 -22.37 34.16 -0.46
N PHE A 391 -22.80 32.92 -0.69
CA PHE A 391 -22.01 31.71 -0.38
C PHE A 391 -22.11 30.80 -1.59
N LYS A 392 -21.05 30.67 -2.37
CA LYS A 392 -21.18 30.00 -3.68
C LYS A 392 -20.03 29.02 -3.95
N PRO A 393 -19.68 28.11 -2.99
CA PRO A 393 -18.58 27.19 -3.22
C PRO A 393 -18.87 26.15 -4.29
N PHE A 394 -20.14 25.97 -4.63
CA PHE A 394 -20.62 24.99 -5.64
C PHE A 394 -21.16 25.68 -6.91
N GLY A 395 -20.79 26.94 -7.11
CA GLY A 395 -21.12 27.75 -8.30
C GLY A 395 -22.60 28.11 -8.27
N ASN A 396 -23.26 28.14 -9.44
CA ASN A 396 -24.52 28.89 -9.58
C ASN A 396 -25.53 28.23 -10.53
N GLY A 397 -26.80 28.14 -10.08
CA GLY A 397 -27.96 27.87 -10.94
C GLY A 397 -27.89 26.51 -11.59
N GLN A 398 -28.26 26.41 -12.87
CA GLN A 398 -28.38 25.11 -13.58
C GLN A 398 -26.97 24.55 -13.86
N ARG A 399 -25.94 25.40 -13.77
CA ARG A 399 -24.53 25.03 -13.99
C ARG A 399 -23.80 24.89 -12.66
N ALA A 400 -24.52 24.83 -11.55
CA ALA A 400 -23.91 24.58 -10.23
C ALA A 400 -23.40 23.14 -10.18
N CYS A 401 -22.55 22.84 -9.21
CA CYS A 401 -21.96 21.51 -9.03
C CYS A 401 -23.03 20.43 -8.96
N ILE A 402 -22.99 19.46 -9.87
CA ILE A 402 -23.96 18.33 -9.77
C ILE A 402 -23.53 17.41 -8.61
N GLY A 403 -22.27 17.47 -8.23
CA GLY A 403 -21.70 16.57 -7.20
C GLY A 403 -21.89 17.06 -5.77
N GLN A 404 -22.60 18.17 -5.55
CA GLN A 404 -22.57 18.87 -4.24
C GLN A 404 -23.02 17.90 -3.12
N GLN A 405 -24.10 17.16 -3.32
CA GLN A 405 -24.67 16.28 -2.26
C GLN A 405 -23.73 15.14 -1.99
N PHE A 406 -23.14 14.59 -3.05
CA PHE A 406 -22.12 13.51 -2.99
C PHE A 406 -20.91 14.02 -2.20
N ALA A 407 -20.32 15.16 -2.57
CA ALA A 407 -19.12 15.69 -1.88
C ALA A 407 -19.43 15.93 -0.41
N LEU A 408 -20.59 16.49 -0.08
CA LEU A 408 -20.84 16.87 1.33
C LEU A 408 -21.21 15.63 2.12
N HIS A 409 -21.82 14.62 1.49
CA HIS A 409 -22.11 13.35 2.22
C HIS A 409 -20.78 12.67 2.55
N GLU A 410 -19.91 12.49 1.56
CA GLU A 410 -18.57 11.89 1.78
C GLU A 410 -17.82 12.69 2.86
N ALA A 411 -17.71 14.01 2.70
CA ALA A 411 -16.92 14.86 3.63
C ALA A 411 -17.47 14.74 5.04
N THR A 412 -18.78 14.75 5.21
CA THR A 412 -19.38 14.71 6.58
C THR A 412 -19.14 13.32 7.19
N LEU A 413 -19.33 12.27 6.40
CA LEU A 413 -19.09 10.87 6.84
C LEU A 413 -17.64 10.75 7.34
N VAL A 414 -16.70 11.18 6.50
CA VAL A 414 -15.24 10.98 6.76
C VAL A 414 -14.79 11.83 7.92
N LEU A 415 -15.11 13.12 7.89
CA LEU A 415 -14.71 14.01 9.00
C LEU A 415 -15.33 13.47 10.30
N GLY A 416 -16.59 13.02 10.26
CA GLY A 416 -17.25 12.44 11.46
C GLY A 416 -16.48 11.26 12.02
N MET A 417 -16.13 10.30 11.15
CA MET A 417 -15.32 9.13 11.54
C MET A 417 -13.93 9.55 12.07
N MET A 418 -13.22 10.47 11.41
CA MET A 418 -11.89 10.95 11.88
C MET A 418 -12.01 11.50 13.32
N LEU A 419 -13.02 12.32 13.59
CA LEU A 419 -13.18 12.98 14.90
C LEU A 419 -13.63 11.98 15.96
N LYS A 420 -14.35 10.93 15.57
CA LYS A 420 -14.80 9.88 16.51
C LYS A 420 -13.59 9.07 16.97
N HIS A 421 -12.71 8.72 16.03
CA HIS A 421 -11.67 7.65 16.19
C HIS A 421 -10.33 8.18 16.69
N PHE A 422 -10.00 9.48 16.52
CA PHE A 422 -8.67 10.06 16.80
C PHE A 422 -8.75 11.42 17.50
N ASP A 423 -7.75 11.72 18.32
CA ASP A 423 -7.36 13.10 18.70
C ASP A 423 -6.24 13.54 17.73
N PHE A 424 -6.15 14.82 17.45
CA PHE A 424 -5.20 15.30 16.41
C PHE A 424 -4.26 16.29 17.05
N GLU A 425 -2.98 16.21 16.69
CA GLU A 425 -2.01 17.22 17.11
C GLU A 425 -1.42 17.86 15.86
N ASP A 426 -1.34 19.19 15.88
CA ASP A 426 -0.58 20.06 14.95
C ASP A 426 0.89 20.06 15.42
N HIS A 427 1.57 18.94 15.31
CA HIS A 427 2.88 18.71 15.99
C HIS A 427 3.95 19.60 15.36
N THR A 428 3.80 20.09 14.12
CA THR A 428 4.82 20.94 13.46
C THR A 428 4.47 22.42 13.52
N ASN A 429 3.34 22.80 14.13
CA ASN A 429 2.79 24.18 14.06
C ASN A 429 2.75 24.60 12.58
N TYR A 430 2.09 23.79 11.76
CA TYR A 430 2.00 23.95 10.30
C TYR A 430 1.62 25.39 9.88
N GLU A 431 2.43 25.96 9.00
CA GLU A 431 2.21 27.27 8.36
C GLU A 431 1.44 27.03 7.06
N LEU A 432 0.25 27.59 6.93
CA LEU A 432 -0.60 27.35 5.75
C LEU A 432 0.17 27.73 4.47
N ASP A 433 0.24 26.78 3.55
CA ASP A 433 0.84 26.92 2.21
C ASP A 433 -0.15 26.33 1.20
N ILE A 434 -0.82 27.17 0.44
CA ILE A 434 -1.92 26.72 -0.44
C ILE A 434 -1.37 26.50 -1.85
N LYS A 435 -1.41 25.23 -2.27
CA LYS A 435 -0.97 24.79 -3.60
C LYS A 435 -2.15 24.93 -4.55
N GLU A 436 -1.90 25.46 -5.74
CA GLU A 436 -2.97 25.71 -6.74
C GLU A 436 -2.76 24.78 -7.92
N THR A 437 -3.74 23.92 -8.18
CA THR A 437 -3.79 23.05 -9.39
C THR A 437 -5.02 23.51 -10.15
N LEU A 438 -5.96 22.62 -10.46
CA LEU A 438 -7.32 23.06 -10.80
C LEU A 438 -7.94 23.68 -9.53
N THR A 439 -7.49 23.20 -8.37
CA THR A 439 -8.11 23.47 -7.06
C THR A 439 -7.05 23.95 -6.06
N LEU A 440 -7.50 24.28 -4.87
CA LEU A 440 -6.66 24.74 -3.76
C LEU A 440 -6.54 23.58 -2.77
N LYS A 441 -5.33 23.32 -2.30
CA LYS A 441 -5.07 22.31 -1.24
C LYS A 441 -3.97 22.87 -0.36
N PRO A 442 -4.02 22.59 0.96
CA PRO A 442 -2.91 22.93 1.84
C PRO A 442 -1.67 22.04 1.73
N GLU A 443 -0.65 22.47 0.99
CA GLU A 443 0.54 21.63 0.73
C GLU A 443 1.39 21.42 2.00
N GLY A 444 1.81 20.19 2.25
CA GLY A 444 2.75 19.88 3.34
C GLY A 444 2.04 19.80 4.69
N PHE A 445 0.70 19.89 4.72
CA PHE A 445 -0.07 19.79 5.97
C PHE A 445 0.05 18.36 6.51
N VAL A 446 0.59 18.24 7.72
CA VAL A 446 0.81 16.98 8.45
C VAL A 446 0.29 17.15 9.88
N VAL A 447 -0.18 16.04 10.45
CA VAL A 447 -0.64 15.97 11.86
C VAL A 447 -0.22 14.61 12.39
N LYS A 448 -0.38 14.45 13.71
CA LYS A 448 -0.28 13.18 14.43
C LYS A 448 -1.67 12.88 14.96
N ALA A 449 -2.09 11.64 14.86
CA ALA A 449 -3.39 11.18 15.35
C ALA A 449 -3.11 10.23 16.50
N LYS A 450 -3.76 10.48 17.64
CA LYS A 450 -3.72 9.58 18.82
C LYS A 450 -5.07 8.88 18.83
N SER A 451 -5.05 7.57 18.63
CA SER A 451 -6.26 6.75 18.57
C SER A 451 -7.02 6.88 19.88
N LYS A 452 -8.34 6.97 19.79
CA LYS A 452 -9.25 6.86 20.96
C LYS A 452 -9.53 5.38 21.21
N LYS A 453 -8.99 4.48 20.39
CA LYS A 453 -9.10 3.00 20.55
C LYS A 453 -10.57 2.59 20.55
N ILE A 454 -11.36 3.12 19.62
CA ILE A 454 -12.77 2.69 19.43
C ILE A 454 -12.82 1.73 18.26
N PRO A 455 -13.33 0.50 18.53
CA PRO A 455 -13.44 -0.53 17.49
C PRO A 455 -14.26 -0.12 16.26
N LEU A 456 -13.85 -0.60 15.09
CA LEU A 456 -14.66 -0.63 13.85
C LEU A 456 -15.44 -1.96 13.75
N ILE B 3 36.59 -48.70 1.90
CA ILE B 3 36.53 -47.21 2.05
C ILE B 3 36.67 -46.55 0.66
N LYS B 4 35.62 -45.86 0.19
CA LYS B 4 35.53 -45.25 -1.17
C LYS B 4 36.15 -43.84 -1.13
N GLU B 5 36.88 -43.50 -2.19
CA GLU B 5 37.40 -42.13 -2.42
C GLU B 5 36.26 -41.31 -3.05
N MET B 6 36.17 -40.05 -2.65
CA MET B 6 35.01 -39.17 -2.91
C MET B 6 35.11 -38.57 -4.31
N PRO B 7 34.04 -38.59 -5.14
CA PRO B 7 34.00 -37.80 -6.38
C PRO B 7 34.05 -36.30 -6.06
N GLN B 8 34.41 -35.52 -7.10
CA GLN B 8 34.61 -34.05 -7.04
C GLN B 8 34.26 -33.49 -8.41
N PRO B 9 33.51 -32.36 -8.49
CA PRO B 9 33.14 -31.81 -9.78
C PRO B 9 34.36 -31.06 -10.35
N LYS B 10 34.16 -30.52 -11.55
CA LYS B 10 35.22 -29.90 -12.39
C LYS B 10 35.89 -28.75 -11.64
N THR B 11 37.21 -28.66 -11.75
CA THR B 11 38.07 -27.63 -11.15
C THR B 11 38.49 -26.60 -12.20
N PHE B 12 39.02 -25.47 -11.71
CA PHE B 12 39.37 -24.25 -12.50
C PHE B 12 40.74 -23.80 -12.02
N GLY B 13 41.71 -24.73 -12.05
CA GLY B 13 43.08 -24.51 -11.56
C GLY B 13 43.07 -24.15 -10.08
N GLU B 14 43.71 -23.02 -9.74
CA GLU B 14 43.94 -22.49 -8.37
C GLU B 14 42.61 -22.20 -7.67
N LEU B 15 41.57 -21.81 -8.42
CA LEU B 15 40.24 -21.47 -7.86
C LEU B 15 39.50 -22.76 -7.46
N LYS B 16 40.05 -23.93 -7.82
CA LYS B 16 39.50 -25.26 -7.48
C LYS B 16 38.03 -25.26 -7.88
N ASN B 17 37.07 -25.51 -6.97
CA ASN B 17 35.65 -25.58 -7.42
C ASN B 17 34.94 -24.22 -7.32
N LEU B 18 35.59 -23.15 -6.85
CA LEU B 18 34.87 -21.89 -6.49
C LEU B 18 34.01 -21.37 -7.66
N PRO B 19 34.51 -21.29 -8.93
CA PRO B 19 33.71 -20.79 -10.04
C PRO B 19 32.39 -21.49 -10.32
N LEU B 20 32.15 -22.71 -9.80
CA LEU B 20 30.83 -23.40 -9.90
C LEU B 20 29.75 -22.61 -9.13
N LEU B 21 30.14 -21.76 -8.19
CA LEU B 21 29.22 -20.86 -7.42
C LEU B 21 28.98 -19.55 -8.18
N ASN B 22 29.73 -19.30 -9.25
CA ASN B 22 29.57 -18.06 -10.04
C ASN B 22 28.29 -18.15 -10.87
N THR B 23 27.15 -18.11 -10.19
CA THR B 23 25.77 -18.24 -10.72
C THR B 23 24.81 -17.58 -9.73
N ASP B 24 23.65 -17.13 -10.19
CA ASP B 24 22.59 -16.55 -9.32
C ASP B 24 21.80 -17.70 -8.71
N LYS B 25 22.10 -18.96 -9.07
CA LYS B 25 21.34 -20.13 -8.59
C LYS B 25 22.28 -21.21 -8.11
N PRO B 26 23.13 -20.97 -7.08
CA PRO B 26 24.13 -21.94 -6.68
C PRO B 26 23.54 -23.26 -6.12
N VAL B 27 22.45 -23.20 -5.36
CA VAL B 27 21.79 -24.39 -4.74
C VAL B 27 21.38 -25.32 -5.88
N GLN B 28 20.66 -24.81 -6.88
CA GLN B 28 20.19 -25.62 -8.04
C GLN B 28 21.41 -26.17 -8.81
N ALA B 29 22.50 -25.43 -8.98
CA ALA B 29 23.74 -25.94 -9.59
C ALA B 29 24.34 -27.06 -8.74
N LEU B 30 24.37 -26.90 -7.41
N LEU B 30 24.34 -26.89 -7.40
CA LEU B 30 24.91 -28.00 -6.53
CA LEU B 30 24.84 -27.94 -6.46
C LEU B 30 23.96 -29.21 -6.57
C LEU B 30 23.96 -29.20 -6.55
N MET B 31 22.65 -29.06 -6.78
CA MET B 31 21.70 -30.20 -6.93
C MET B 31 21.95 -30.97 -8.25
N LYS B 32 22.25 -30.25 -9.34
CA LYS B 32 22.58 -30.87 -10.65
C LYS B 32 23.86 -31.69 -10.52
N ILE B 33 24.86 -31.20 -9.77
CA ILE B 33 26.15 -31.86 -9.47
C ILE B 33 25.85 -33.13 -8.68
N ALA B 34 24.95 -33.05 -7.68
CA ALA B 34 24.55 -34.20 -6.83
C ALA B 34 23.97 -35.27 -7.71
N ASP B 35 23.10 -34.89 -8.65
CA ASP B 35 22.44 -35.80 -9.61
C ASP B 35 23.50 -36.58 -10.40
N GLU B 36 24.63 -35.94 -10.75
N GLU B 36 24.58 -35.90 -10.80
CA GLU B 36 25.68 -36.54 -11.61
CA GLU B 36 25.67 -36.51 -11.59
C GLU B 36 26.79 -37.21 -10.79
C GLU B 36 26.54 -37.37 -10.67
N LEU B 37 26.98 -36.84 -9.52
CA LEU B 37 28.05 -37.45 -8.70
C LEU B 37 27.50 -38.36 -7.59
N GLY B 38 26.20 -38.31 -7.27
CA GLY B 38 25.57 -39.14 -6.21
C GLY B 38 25.58 -38.51 -4.82
N GLU B 39 25.76 -39.34 -3.79
CA GLU B 39 25.29 -39.06 -2.41
C GLU B 39 26.30 -38.20 -1.66
N ILE B 40 27.54 -38.12 -2.15
CA ILE B 40 28.61 -37.32 -1.51
C ILE B 40 29.61 -36.82 -2.57
N PHE B 41 30.06 -35.58 -2.42
CA PHE B 41 31.14 -35.00 -3.27
C PHE B 41 31.91 -33.95 -2.47
N LYS B 42 33.22 -33.96 -2.68
CA LYS B 42 34.22 -32.98 -2.22
C LYS B 42 33.96 -31.68 -2.97
N PHE B 43 34.12 -30.54 -2.28
CA PHE B 43 34.02 -29.20 -2.90
C PHE B 43 35.10 -28.38 -2.23
N GLU B 44 35.99 -27.82 -3.04
CA GLU B 44 37.18 -27.07 -2.58
C GLU B 44 37.10 -25.65 -3.13
N ALA B 45 37.47 -24.71 -2.28
CA ALA B 45 37.77 -23.32 -2.68
C ALA B 45 39.12 -23.04 -2.08
N PRO B 46 39.80 -21.93 -2.42
CA PRO B 46 41.04 -21.60 -1.74
C PRO B 46 40.86 -21.49 -0.22
N GLY B 47 41.61 -22.31 0.54
CA GLY B 47 41.62 -22.35 2.02
C GLY B 47 40.38 -23.00 2.63
N ARG B 48 39.55 -23.66 1.83
CA ARG B 48 38.27 -24.23 2.29
C ARG B 48 38.08 -25.60 1.63
N VAL B 49 37.66 -26.59 2.41
CA VAL B 49 37.06 -27.84 1.86
C VAL B 49 35.78 -28.19 2.64
N THR B 50 34.77 -28.63 1.91
CA THR B 50 33.55 -29.21 2.49
C THR B 50 33.14 -30.41 1.65
N ARG B 51 32.15 -31.15 2.14
CA ARG B 51 31.60 -32.33 1.47
C ARG B 51 30.08 -32.20 1.43
N TYR B 52 29.48 -32.26 0.26
CA TYR B 52 28.03 -32.14 0.06
C TYR B 52 27.41 -33.52 0.23
N LEU B 53 26.51 -33.68 1.20
CA LEU B 53 25.71 -34.92 1.44
C LEU B 53 24.33 -34.77 0.84
N SER B 54 23.83 -35.81 0.18
CA SER B 54 22.54 -35.83 -0.52
C SER B 54 21.65 -37.03 -0.12
N SER B 55 22.20 -38.06 0.52
CA SER B 55 21.44 -39.31 0.80
C SER B 55 21.03 -39.34 2.29
N GLN B 56 19.85 -39.87 2.58
CA GLN B 56 19.40 -40.14 3.97
C GLN B 56 20.40 -41.09 4.62
N ARG B 57 20.95 -42.05 3.88
CA ARG B 57 21.96 -43.01 4.42
C ARG B 57 23.09 -42.26 5.13
N LEU B 58 23.68 -41.23 4.53
CA LEU B 58 24.79 -40.50 5.21
C LEU B 58 24.26 -39.40 6.13
N ILE B 59 23.20 -38.70 5.74
CA ILE B 59 22.69 -37.55 6.54
C ILE B 59 22.17 -38.06 7.90
N LYS B 60 21.58 -39.25 7.95
CA LYS B 60 21.16 -39.85 9.26
C LYS B 60 22.38 -39.90 10.19
N GLU B 61 23.58 -40.15 9.66
CA GLU B 61 24.80 -40.16 10.53
C GLU B 61 25.22 -38.74 10.86
N ALA B 62 25.15 -37.81 9.91
CA ALA B 62 25.56 -36.40 10.10
C ALA B 62 24.71 -35.75 11.21
N CYS B 63 23.46 -36.21 11.38
CA CYS B 63 22.49 -35.66 12.37
C CYS B 63 22.72 -36.24 13.77
N ASP B 64 23.74 -37.09 13.94
CA ASP B 64 24.18 -37.59 15.27
C ASP B 64 24.88 -36.45 16.00
N GLU B 65 24.28 -35.89 17.05
CA GLU B 65 24.82 -34.67 17.70
C GLU B 65 26.05 -35.02 18.52
N SER B 66 26.29 -36.31 18.82
CA SER B 66 27.48 -36.75 19.58
C SER B 66 28.71 -36.71 18.68
N ARG B 67 28.53 -36.78 17.36
CA ARG B 67 29.63 -36.84 16.34
C ARG B 67 29.72 -35.53 15.52
N PHE B 68 28.63 -34.80 15.33
CA PHE B 68 28.62 -33.57 14.49
C PHE B 68 27.87 -32.45 15.19
N ASP B 69 28.42 -31.23 15.11
CA ASP B 69 27.83 -29.98 15.65
C ASP B 69 27.58 -29.02 14.48
N LYS B 70 26.74 -28.01 14.67
CA LYS B 70 26.47 -26.99 13.64
C LYS B 70 27.77 -26.23 13.33
N ASN B 71 28.06 -26.11 12.04
CA ASN B 71 29.16 -25.28 11.47
C ASN B 71 28.56 -23.99 10.90
N LEU B 72 29.22 -22.85 11.06
CA LEU B 72 28.88 -21.65 10.25
C LEU B 72 29.52 -21.84 8.88
N SER B 73 28.69 -22.14 7.89
CA SER B 73 28.99 -22.03 6.45
C SER B 73 29.55 -20.65 6.14
N GLN B 74 30.20 -20.48 5.00
CA GLN B 74 30.78 -19.15 4.65
C GLN B 74 29.62 -18.14 4.60
N ALA B 75 28.47 -18.58 4.09
CA ALA B 75 27.22 -17.80 4.04
C ALA B 75 26.82 -17.28 5.44
N LEU B 76 26.83 -18.13 6.46
N LEU B 76 26.83 -18.15 6.44
CA LEU B 76 26.43 -17.68 7.82
CA LEU B 76 26.46 -17.74 7.83
C LEU B 76 27.51 -16.78 8.41
C LEU B 76 27.51 -16.79 8.40
N LYS B 77 28.80 -17.01 8.11
CA LYS B 77 29.89 -16.13 8.61
C LYS B 77 29.68 -14.69 8.07
N PHE B 78 29.25 -14.55 6.82
CA PHE B 78 29.00 -13.25 6.16
C PHE B 78 27.72 -12.62 6.73
N VAL B 79 26.71 -13.43 7.03
CA VAL B 79 25.44 -12.96 7.67
C VAL B 79 25.74 -12.53 9.10
N ARG B 80 26.70 -13.17 9.76
CA ARG B 80 27.09 -12.83 11.14
C ARG B 80 27.56 -11.36 11.21
N ASP B 81 28.01 -10.76 10.11
CA ASP B 81 28.41 -9.32 10.09
C ASP B 81 27.25 -8.42 10.53
N PHE B 82 26.00 -8.86 10.37
CA PHE B 82 24.84 -8.05 10.80
C PHE B 82 23.95 -8.81 11.80
N ALA B 83 23.95 -10.14 11.80
CA ALA B 83 23.14 -10.95 12.77
C ALA B 83 23.96 -11.30 14.03
N GLY B 84 25.24 -10.96 14.07
CA GLY B 84 26.07 -11.10 15.27
C GLY B 84 25.95 -12.48 15.92
N ASP B 85 25.90 -12.51 17.25
CA ASP B 85 25.83 -13.80 17.99
C ASP B 85 24.37 -14.02 18.40
N GLY B 86 23.43 -13.63 17.52
CA GLY B 86 22.04 -14.12 17.53
C GLY B 86 22.01 -15.62 17.32
N LEU B 87 20.86 -16.24 17.59
CA LEU B 87 20.75 -17.73 17.67
C LEU B 87 21.22 -18.37 16.36
N PHE B 88 20.95 -17.74 15.22
CA PHE B 88 21.16 -18.38 13.90
C PHE B 88 22.64 -18.36 13.48
N THR B 89 23.42 -17.39 13.93
CA THR B 89 24.84 -17.20 13.50
C THR B 89 25.82 -17.35 14.67
N SER B 90 25.36 -17.94 15.78
N SER B 90 25.35 -17.96 15.76
CA SER B 90 26.23 -18.27 16.95
CA SER B 90 26.14 -18.33 16.96
C SER B 90 26.71 -19.73 16.88
C SER B 90 26.73 -19.75 16.80
N TRP B 91 27.94 -19.96 17.32
CA TRP B 91 28.46 -21.33 17.59
C TRP B 91 27.74 -21.89 18.82
N THR B 92 27.52 -23.18 18.85
CA THR B 92 26.90 -23.86 20.02
C THR B 92 27.69 -23.59 21.30
N HIS B 93 29.02 -23.45 21.22
CA HIS B 93 29.87 -23.28 22.42
C HIS B 93 29.93 -21.82 22.87
N GLU B 94 29.40 -20.85 22.10
CA GLU B 94 29.35 -19.44 22.61
C GLU B 94 28.34 -19.33 23.75
N LYS B 95 28.70 -18.63 24.82
CA LYS B 95 27.84 -18.50 26.00
C LYS B 95 26.46 -17.98 25.54
N ASN B 96 26.40 -17.03 24.58
CA ASN B 96 25.12 -16.38 24.22
C ASN B 96 24.23 -17.35 23.44
N TRP B 97 24.76 -18.44 22.90
CA TRP B 97 23.87 -19.40 22.19
C TRP B 97 22.93 -20.04 23.22
N LYS B 98 23.47 -20.74 24.21
CA LYS B 98 22.65 -21.52 25.19
C LYS B 98 21.81 -20.54 26.01
N LYS B 99 22.38 -19.41 26.38
CA LYS B 99 21.64 -18.42 27.22
C LYS B 99 20.41 -17.92 26.46
N ALA B 100 20.57 -17.49 25.21
CA ALA B 100 19.44 -16.96 24.41
C ALA B 100 18.44 -18.10 24.13
N HIS B 101 18.95 -19.29 23.83
CA HIS B 101 18.15 -20.52 23.60
C HIS B 101 17.27 -20.81 24.81
N ASN B 102 17.81 -20.82 26.02
CA ASN B 102 17.02 -21.05 27.27
C ASN B 102 15.97 -19.95 27.46
N ILE B 103 16.33 -18.69 27.23
CA ILE B 103 15.44 -17.53 27.47
C ILE B 103 14.31 -17.57 26.43
N LEU B 104 14.60 -17.94 25.18
CA LEU B 104 13.64 -17.76 24.06
C LEU B 104 12.77 -18.98 23.76
N LEU B 105 13.19 -20.20 24.12
CA LEU B 105 12.39 -21.44 23.91
C LEU B 105 10.93 -21.27 24.32
N PRO B 106 10.62 -20.80 25.54
CA PRO B 106 9.20 -20.65 25.95
C PRO B 106 8.44 -19.62 25.09
N SER B 107 9.14 -18.70 24.43
CA SER B 107 8.52 -17.67 23.54
C SER B 107 8.14 -18.30 22.21
N PHE B 108 8.62 -19.50 21.93
CA PHE B 108 8.49 -20.13 20.59
C PHE B 108 7.72 -21.42 20.67
N SER B 109 7.19 -21.73 21.85
CA SER B 109 6.47 -23.01 22.07
C SER B 109 5.12 -22.98 21.38
N GLN B 110 4.50 -24.16 21.17
CA GLN B 110 3.05 -24.25 20.79
C GLN B 110 2.21 -23.40 21.75
N GLN B 111 2.46 -23.44 23.06
CA GLN B 111 1.69 -22.61 24.03
C GLN B 111 1.74 -21.14 23.64
N ALA B 112 2.92 -20.58 23.33
CA ALA B 112 3.11 -19.12 23.12
C ALA B 112 2.36 -18.71 21.84
N MET B 113 2.10 -19.67 20.94
CA MET B 113 1.43 -19.42 19.67
C MET B 113 -0.01 -18.95 19.96
N LYS B 114 -0.59 -19.39 21.08
CA LYS B 114 -1.95 -18.93 21.46
C LYS B 114 -1.94 -17.42 21.58
N GLY B 115 -0.87 -16.85 22.14
CA GLY B 115 -0.67 -15.42 22.35
C GLY B 115 -0.44 -14.65 21.07
N TYR B 116 0.31 -15.19 20.11
CA TYR B 116 0.66 -14.52 18.83
C TYR B 116 -0.48 -14.61 17.82
N HIS B 117 -1.37 -15.59 18.01
CA HIS B 117 -2.46 -15.93 17.07
C HIS B 117 -3.20 -14.67 16.61
N ALA B 118 -3.66 -13.82 17.52
CA ALA B 118 -4.51 -12.66 17.15
C ALA B 118 -3.72 -11.69 16.25
N MET B 119 -2.43 -11.47 16.52
CA MET B 119 -1.58 -10.59 15.68
C MET B 119 -1.38 -11.25 14.30
N MET B 120 -1.21 -12.58 14.22
CA MET B 120 -1.10 -13.28 12.90
C MET B 120 -2.39 -13.09 12.11
N VAL B 121 -3.53 -13.18 12.80
CA VAL B 121 -4.87 -13.00 12.17
C VAL B 121 -5.00 -11.58 11.58
N ASP B 122 -4.52 -10.57 12.30
CA ASP B 122 -4.54 -9.15 11.88
C ASP B 122 -3.90 -9.05 10.49
N ILE B 123 -2.71 -9.62 10.32
CA ILE B 123 -1.97 -9.49 9.03
C ILE B 123 -2.62 -10.39 7.99
N ALA B 124 -3.05 -11.61 8.35
CA ALA B 124 -3.72 -12.55 7.43
C ALA B 124 -4.98 -11.86 6.88
N VAL B 125 -5.76 -11.25 7.74
CA VAL B 125 -6.99 -10.52 7.30
C VAL B 125 -6.61 -9.41 6.31
N GLN B 126 -5.50 -8.70 6.52
CA GLN B 126 -5.05 -7.66 5.56
C GLN B 126 -4.78 -8.26 4.18
N LEU B 127 -4.18 -9.44 4.12
N LEU B 127 -4.20 -9.46 4.13
CA LEU B 127 -3.88 -10.14 2.84
CA LEU B 127 -3.86 -10.14 2.87
C LEU B 127 -5.21 -10.48 2.16
C LEU B 127 -5.17 -10.54 2.15
N VAL B 128 -6.13 -11.10 2.89
CA VAL B 128 -7.43 -11.52 2.29
C VAL B 128 -8.15 -10.27 1.78
N GLN B 129 -8.23 -9.19 2.56
CA GLN B 129 -8.93 -7.95 2.11
C GLN B 129 -8.22 -7.39 0.88
N LYS B 130 -6.89 -7.39 0.83
CA LYS B 130 -6.19 -6.93 -0.39
C LYS B 130 -6.74 -7.69 -1.63
N TRP B 131 -6.77 -9.01 -1.58
CA TRP B 131 -7.15 -9.85 -2.74
C TRP B 131 -8.65 -9.70 -3.05
N GLU B 132 -9.47 -9.55 -2.03
CA GLU B 132 -10.93 -9.31 -2.18
C GLU B 132 -11.11 -8.03 -3.02
N ARG B 133 -10.14 -7.12 -2.98
CA ARG B 133 -10.31 -5.73 -3.46
C ARG B 133 -9.67 -5.57 -4.83
N LEU B 134 -9.12 -6.65 -5.39
CA LEU B 134 -8.54 -6.61 -6.75
C LEU B 134 -9.70 -6.56 -7.76
N ASN B 135 -9.42 -5.92 -8.88
CA ASN B 135 -10.38 -5.81 -10.01
C ASN B 135 -10.27 -7.09 -10.84
N ALA B 136 -11.30 -7.44 -11.61
CA ALA B 136 -11.31 -8.60 -12.54
C ALA B 136 -10.04 -8.66 -13.43
N ASP B 137 -9.55 -7.52 -13.90
CA ASP B 137 -8.34 -7.43 -14.78
C ASP B 137 -7.02 -7.72 -14.03
N GLU B 138 -7.04 -8.00 -12.71
CA GLU B 138 -5.78 -7.97 -11.93
C GLU B 138 -5.37 -9.39 -11.52
N HIS B 139 -4.08 -9.60 -11.36
CA HIS B 139 -3.47 -10.85 -10.84
C HIS B 139 -2.77 -10.55 -9.50
N ILE B 140 -2.41 -11.62 -8.79
CA ILE B 140 -1.62 -11.61 -7.53
C ILE B 140 -0.15 -11.91 -7.87
N GLU B 141 0.77 -11.08 -7.37
CA GLU B 141 2.20 -11.38 -7.34
C GLU B 141 2.46 -12.18 -6.06
N VAL B 142 2.64 -13.49 -6.20
CA VAL B 142 2.46 -14.40 -5.02
C VAL B 142 3.60 -14.20 -4.03
N PRO B 143 4.89 -14.37 -4.38
CA PRO B 143 5.94 -14.17 -3.38
C PRO B 143 5.98 -12.74 -2.81
N GLU B 144 5.67 -11.74 -3.64
CA GLU B 144 5.59 -10.32 -3.20
C GLU B 144 4.58 -10.23 -2.04
N ASP B 145 3.34 -10.73 -2.22
CA ASP B 145 2.29 -10.65 -1.18
C ASP B 145 2.68 -11.51 0.03
N MET B 146 3.24 -12.70 -0.20
CA MET B 146 3.57 -13.59 0.94
C MET B 146 4.65 -12.94 1.80
N THR B 147 5.60 -12.24 1.19
CA THR B 147 6.67 -11.54 1.91
C THR B 147 6.08 -10.36 2.68
N ARG B 148 5.18 -9.60 2.06
CA ARG B 148 4.48 -8.53 2.78
C ARG B 148 3.89 -9.12 4.07
N LEU B 149 3.18 -10.25 3.95
N LEU B 149 3.20 -10.27 3.98
CA LEU B 149 2.50 -10.90 5.10
CA LEU B 149 2.49 -10.85 5.16
C LEU B 149 3.51 -11.27 6.19
C LEU B 149 3.49 -11.31 6.23
N THR B 150 4.50 -12.09 5.84
CA THR B 150 5.38 -12.76 6.84
C THR B 150 6.30 -11.72 7.50
N LEU B 151 6.77 -10.71 6.76
CA LEU B 151 7.50 -9.58 7.37
C LEU B 151 6.57 -8.88 8.39
N ASP B 152 5.34 -8.60 8.03
CA ASP B 152 4.45 -7.82 8.92
C ASP B 152 4.15 -8.65 10.16
N THR B 153 3.97 -9.96 10.03
CA THR B 153 3.61 -10.82 11.16
C THR B 153 4.75 -10.79 12.18
N ILE B 154 6.01 -10.93 11.71
CA ILE B 154 7.14 -10.99 12.67
C ILE B 154 7.40 -9.61 13.27
N GLY B 155 7.17 -8.52 12.52
CA GLY B 155 7.22 -7.17 13.10
C GLY B 155 6.29 -7.02 14.30
N LEU B 156 5.05 -7.44 14.12
CA LEU B 156 4.00 -7.27 15.15
C LEU B 156 4.27 -8.19 16.37
N CYS B 157 4.54 -9.49 16.15
CA CYS B 157 4.83 -10.50 17.21
C CYS B 157 6.25 -10.31 17.77
N GLY B 158 7.16 -9.80 16.95
CA GLY B 158 8.55 -9.52 17.37
C GLY B 158 8.63 -8.34 18.33
N PHE B 159 8.07 -7.19 17.98
CA PHE B 159 8.31 -5.97 18.78
C PHE B 159 7.18 -4.96 18.61
N ASN B 160 5.98 -5.45 18.34
CA ASN B 160 4.76 -4.61 18.29
C ASN B 160 4.96 -3.44 17.30
N TYR B 161 5.64 -3.69 16.19
CA TYR B 161 5.92 -2.69 15.13
C TYR B 161 5.18 -3.06 13.83
N ARG B 162 4.48 -2.11 13.26
CA ARG B 162 3.73 -2.31 11.96
C ARG B 162 4.60 -1.81 10.81
N PHE B 163 5.14 -2.71 10.01
CA PHE B 163 5.86 -2.38 8.76
C PHE B 163 4.82 -1.82 7.76
N ASN B 164 3.55 -2.18 7.91
CA ASN B 164 2.46 -1.70 7.01
C ASN B 164 2.86 -2.00 5.55
N SER B 165 3.32 -3.23 5.29
CA SER B 165 3.79 -3.66 3.95
C SER B 165 2.64 -3.62 2.92
N PHE B 166 1.39 -3.84 3.30
CA PHE B 166 0.23 -3.82 2.39
C PHE B 166 -0.14 -2.37 2.03
N TYR B 167 0.49 -1.36 2.66
CA TYR B 167 0.23 0.06 2.31
C TYR B 167 1.34 0.57 1.39
N ARG B 168 2.25 -0.29 0.92
CA ARG B 168 3.48 0.16 0.22
C ARG B 168 3.74 -0.62 -1.07
N ASP B 169 4.38 0.04 -2.04
CA ASP B 169 5.09 -0.60 -3.19
C ASP B 169 6.55 -0.79 -2.79
N GLN B 170 7.18 0.25 -2.24
CA GLN B 170 8.63 0.29 -1.94
C GLN B 170 8.84 -0.10 -0.48
N PRO B 171 9.80 -1.02 -0.20
CA PRO B 171 9.94 -1.55 1.14
C PRO B 171 10.27 -0.41 2.12
N HIS B 172 9.83 -0.61 3.36
CA HIS B 172 10.35 0.09 4.55
C HIS B 172 11.87 0.24 4.42
N PRO B 173 12.44 1.42 4.79
CA PRO B 173 13.89 1.63 4.84
C PRO B 173 14.75 0.54 5.46
N PHE B 174 14.30 -0.04 6.59
CA PHE B 174 15.06 -1.09 7.31
C PHE B 174 15.22 -2.30 6.40
N ILE B 175 14.15 -2.61 5.66
CA ILE B 175 14.03 -3.79 4.75
C ILE B 175 14.93 -3.61 3.52
N THR B 176 14.96 -2.42 2.91
N THR B 176 14.98 -2.42 2.88
CA THR B 176 15.82 -2.18 1.71
CA THR B 176 15.89 -2.18 1.71
C THR B 176 17.28 -2.46 2.12
C THR B 176 17.33 -2.42 2.15
N SER B 177 17.67 -2.05 3.33
N SER B 177 17.66 -2.05 3.39
CA SER B 177 19.02 -2.24 3.92
CA SER B 177 18.99 -2.23 4.02
C SER B 177 19.29 -3.72 4.26
C SER B 177 19.28 -3.71 4.28
N MET B 178 18.30 -4.43 4.84
CA MET B 178 18.42 -5.87 5.22
C MET B 178 18.55 -6.70 3.94
N VAL B 179 17.66 -6.49 2.99
CA VAL B 179 17.67 -7.20 1.68
C VAL B 179 19.03 -6.93 0.99
N ARG B 180 19.55 -5.70 1.04
CA ARG B 180 20.80 -5.37 0.32
C ARG B 180 21.98 -6.02 1.04
N ALA B 181 21.95 -6.08 2.37
CA ALA B 181 22.96 -6.76 3.19
C ALA B 181 22.95 -8.28 2.93
N LEU B 182 21.76 -8.89 2.87
CA LEU B 182 21.60 -10.33 2.53
C LEU B 182 22.13 -10.58 1.11
N ASP B 183 21.98 -9.63 0.18
CA ASP B 183 22.40 -9.82 -1.24
C ASP B 183 23.92 -9.74 -1.27
N GLU B 184 24.51 -8.77 -0.57
CA GLU B 184 26.00 -8.67 -0.45
C GLU B 184 26.56 -9.97 0.18
N ALA B 185 25.97 -10.44 1.28
CA ALA B 185 26.52 -11.60 2.03
C ALA B 185 26.58 -12.82 1.10
N MET B 186 25.53 -13.04 0.33
CA MET B 186 25.38 -14.17 -0.64
C MET B 186 26.31 -13.98 -1.85
N ASN B 187 26.39 -12.77 -2.39
N ASN B 187 26.41 -12.77 -2.41
CA ASN B 187 27.20 -12.46 -3.60
CA ASN B 187 27.23 -12.54 -3.62
C ASN B 187 28.70 -12.65 -3.26
C ASN B 187 28.72 -12.71 -3.24
N LYS B 188 29.08 -12.33 -2.02
CA LYS B 188 30.49 -12.38 -1.52
C LYS B 188 31.05 -13.81 -1.60
N LEU B 189 30.18 -14.84 -1.50
CA LEU B 189 30.50 -16.29 -1.58
C LEU B 189 31.26 -16.63 -2.86
N GLN B 190 30.96 -15.92 -3.96
CA GLN B 190 31.35 -16.30 -5.34
C GLN B 190 32.64 -15.57 -5.73
N ARG B 191 33.04 -14.56 -4.94
CA ARG B 191 34.13 -13.63 -5.35
C ARG B 191 35.46 -14.37 -5.37
N ALA B 192 36.04 -14.54 -6.56
CA ALA B 192 37.45 -14.97 -6.75
C ALA B 192 38.37 -14.07 -5.91
N ASN B 193 38.27 -12.74 -6.08
CA ASN B 193 39.21 -11.74 -5.50
C ASN B 193 38.42 -10.70 -4.69
N PRO B 194 38.16 -10.92 -3.38
CA PRO B 194 37.26 -10.06 -2.59
C PRO B 194 37.75 -8.64 -2.26
N ASP B 195 39.05 -8.48 -1.99
CA ASP B 195 39.68 -7.23 -1.50
C ASP B 195 40.15 -6.38 -2.70
N ASP B 196 39.83 -6.80 -3.93
CA ASP B 196 39.92 -5.97 -5.17
C ASP B 196 39.19 -4.66 -4.93
N PRO B 197 39.72 -3.50 -5.41
CA PRO B 197 39.03 -2.21 -5.28
C PRO B 197 37.66 -2.04 -5.98
N ALA B 198 37.33 -2.91 -6.95
CA ALA B 198 36.02 -2.96 -7.65
C ALA B 198 34.87 -3.32 -6.68
N TYR B 199 35.19 -3.80 -5.48
CA TYR B 199 34.21 -4.20 -4.44
C TYR B 199 34.19 -3.13 -3.33
N ASP B 200 34.90 -2.02 -3.48
CA ASP B 200 35.00 -0.97 -2.43
C ASP B 200 33.60 -0.34 -2.22
N GLU B 201 32.85 -0.09 -3.29
CA GLU B 201 31.47 0.45 -3.21
C GLU B 201 30.56 -0.54 -2.46
N ASN B 202 30.64 -1.81 -2.83
CA ASN B 202 29.88 -2.92 -2.18
C ASN B 202 30.16 -2.91 -0.67
N LYS B 203 31.44 -2.80 -0.28
CA LYS B 203 31.87 -2.85 1.15
C LYS B 203 31.41 -1.59 1.90
N ARG B 204 31.32 -0.45 1.21
CA ARG B 204 30.94 0.84 1.87
C ARG B 204 29.42 0.80 2.09
N GLN B 205 28.69 0.36 1.08
CA GLN B 205 27.21 0.17 1.10
C GLN B 205 26.83 -0.86 2.20
N PHE B 206 27.64 -1.92 2.36
CA PHE B 206 27.39 -2.99 3.35
C PHE B 206 27.38 -2.35 4.74
N GLN B 207 28.45 -1.60 5.08
CA GLN B 207 28.66 -0.95 6.41
C GLN B 207 27.52 0.03 6.67
N GLU B 208 27.13 0.81 5.66
CA GLU B 208 25.97 1.73 5.75
C GLU B 208 24.69 0.94 6.05
N ASP B 209 24.52 -0.24 5.47
CA ASP B 209 23.26 -1.01 5.65
C ASP B 209 23.22 -1.62 7.05
N ILE B 210 24.35 -2.07 7.54
CA ILE B 210 24.45 -2.57 8.95
C ILE B 210 24.00 -1.42 9.88
N LYS B 211 24.63 -0.24 9.74
CA LYS B 211 24.33 0.97 10.55
C LYS B 211 22.84 1.27 10.52
N VAL B 212 22.17 1.23 9.37
CA VAL B 212 20.70 1.46 9.26
C VAL B 212 19.94 0.43 10.12
N MET B 213 20.32 -0.85 10.05
N MET B 213 20.29 -0.86 10.01
CA MET B 213 19.59 -1.94 10.75
CA MET B 213 19.63 -1.97 10.74
C MET B 213 19.79 -1.74 12.26
C MET B 213 19.79 -1.75 12.25
N ASN B 214 21.04 -1.55 12.69
CA ASN B 214 21.44 -1.37 14.10
C ASN B 214 20.69 -0.16 14.72
N ASP B 215 20.64 0.97 14.01
CA ASP B 215 20.09 2.24 14.55
C ASP B 215 18.58 2.12 14.68
N LEU B 216 17.85 1.53 13.70
CA LEU B 216 16.39 1.34 13.88
C LEU B 216 16.18 0.36 15.05
N VAL B 217 16.92 -0.74 15.09
CA VAL B 217 16.59 -1.81 16.09
C VAL B 217 16.98 -1.28 17.48
N ASP B 218 18.17 -0.70 17.62
CA ASP B 218 18.66 -0.15 18.92
C ASP B 218 17.68 0.90 19.44
N LYS B 219 17.10 1.70 18.54
CA LYS B 219 16.14 2.76 18.95
C LYS B 219 14.81 2.09 19.36
N ILE B 220 14.40 1.00 18.70
CA ILE B 220 13.17 0.30 19.12
C ILE B 220 13.37 -0.21 20.55
N ILE B 221 14.57 -0.72 20.87
CA ILE B 221 14.82 -1.35 22.19
C ILE B 221 14.77 -0.26 23.27
N ALA B 222 15.48 0.84 23.05
CA ALA B 222 15.65 1.95 24.02
C ALA B 222 14.29 2.63 24.21
N ASP B 223 13.54 2.85 23.11
CA ASP B 223 12.14 3.36 23.12
C ASP B 223 11.25 2.44 23.97
N ARG B 224 11.36 1.11 23.84
CA ARG B 224 10.55 0.17 24.65
C ARG B 224 10.95 0.27 26.13
N LYS B 225 12.25 0.30 26.42
CA LYS B 225 12.80 0.46 27.79
C LYS B 225 12.28 1.75 28.45
N ALA B 226 12.14 2.83 27.67
CA ALA B 226 11.74 4.18 28.12
C ALA B 226 10.25 4.19 28.52
N SER B 227 9.39 3.55 27.72
CA SER B 227 7.91 3.60 27.91
C SER B 227 7.53 2.75 29.12
N GLY B 228 8.25 1.66 29.40
CA GLY B 228 7.86 0.59 30.34
C GLY B 228 6.72 -0.28 29.85
N GLU B 229 6.28 -0.12 28.59
CA GLU B 229 5.22 -0.91 27.92
C GLU B 229 5.47 -2.42 28.12
N GLN B 230 4.45 -3.19 28.48
CA GLN B 230 4.63 -4.65 28.72
C GLN B 230 3.81 -5.46 27.71
N SER B 231 3.92 -5.16 26.40
CA SER B 231 3.32 -5.99 25.30
C SER B 231 3.90 -7.42 25.35
N ASP B 232 3.07 -8.45 25.19
CA ASP B 232 3.54 -9.86 25.05
C ASP B 232 3.95 -10.03 23.58
N ASP B 233 5.14 -9.49 23.32
CA ASP B 233 5.91 -9.72 22.09
C ASP B 233 7.26 -10.31 22.52
N LEU B 234 8.05 -10.72 21.54
CA LEU B 234 9.40 -11.30 21.79
C LEU B 234 10.29 -10.29 22.50
N LEU B 235 10.20 -9.02 22.17
CA LEU B 235 11.09 -7.99 22.74
C LEU B 235 10.81 -7.90 24.24
N THR B 236 9.53 -7.92 24.66
CA THR B 236 9.19 -7.87 26.10
C THR B 236 9.83 -9.08 26.79
N HIS B 237 9.66 -10.29 26.24
CA HIS B 237 10.17 -11.55 26.82
C HIS B 237 11.69 -11.46 26.96
N MET B 238 12.40 -10.89 25.98
CA MET B 238 13.88 -10.77 25.99
C MET B 238 14.34 -9.71 27.00
N LEU B 239 13.57 -8.65 27.23
CA LEU B 239 13.91 -7.59 28.21
C LEU B 239 13.68 -8.11 29.62
N ASN B 240 12.70 -8.96 29.85
CA ASN B 240 12.31 -9.43 31.21
C ASN B 240 12.92 -10.81 31.47
N GLY B 241 13.43 -11.51 30.45
CA GLY B 241 13.77 -12.93 30.59
C GLY B 241 15.10 -13.15 31.29
N LYS B 242 15.18 -14.19 32.12
CA LYS B 242 16.46 -14.58 32.76
C LYS B 242 16.74 -16.00 32.35
N ASP B 243 17.98 -16.30 31.97
CA ASP B 243 18.46 -17.68 31.78
C ASP B 243 18.31 -18.45 33.10
N PRO B 244 17.51 -19.55 33.21
CA PRO B 244 17.40 -20.27 34.49
C PRO B 244 18.76 -20.80 34.97
N GLU B 245 19.71 -21.06 34.07
CA GLU B 245 21.08 -21.51 34.42
C GLU B 245 21.79 -20.38 35.18
N THR B 246 22.17 -19.32 34.44
CA THR B 246 23.01 -18.17 34.89
C THR B 246 22.19 -17.21 35.76
N GLY B 247 20.86 -17.17 35.62
CA GLY B 247 19.97 -16.14 36.19
C GLY B 247 20.18 -14.75 35.55
N GLU B 248 20.97 -14.66 34.49
CA GLU B 248 21.28 -13.43 33.73
C GLU B 248 20.29 -13.23 32.57
N PRO B 249 19.92 -11.97 32.27
CA PRO B 249 19.16 -11.60 31.06
C PRO B 249 20.10 -11.33 29.88
N LEU B 250 19.54 -11.27 28.66
CA LEU B 250 20.31 -10.91 27.44
C LEU B 250 20.69 -9.42 27.54
N ASP B 251 21.86 -9.02 27.04
CA ASP B 251 22.24 -7.59 26.97
C ASP B 251 21.59 -6.99 25.73
N ASP B 252 21.50 -5.66 25.65
CA ASP B 252 20.76 -4.96 24.59
C ASP B 252 21.41 -5.24 23.23
N GLU B 253 22.72 -5.44 23.17
CA GLU B 253 23.38 -5.76 21.87
C GLU B 253 22.88 -7.13 21.39
N ASN B 254 22.81 -8.12 22.26
CA ASN B 254 22.39 -9.47 21.82
C ASN B 254 20.91 -9.40 21.41
N ILE B 255 20.08 -8.72 22.17
CA ILE B 255 18.63 -8.53 21.83
C ILE B 255 18.53 -8.00 20.39
N ARG B 256 19.32 -6.98 20.07
CA ARG B 256 19.29 -6.38 18.72
C ARG B 256 19.58 -7.49 17.69
N TYR B 257 20.61 -8.31 17.91
CA TYR B 257 21.01 -9.40 16.98
C TYR B 257 19.86 -10.39 16.81
N GLN B 258 19.19 -10.76 17.91
CA GLN B 258 18.00 -11.64 17.90
C GLN B 258 16.90 -11.00 17.03
N ILE B 259 16.63 -9.71 17.25
N ILE B 259 16.60 -9.71 17.23
CA ILE B 259 15.55 -8.99 16.49
CA ILE B 259 15.49 -9.07 16.46
C ILE B 259 15.90 -9.03 15.00
C ILE B 259 15.88 -9.00 14.98
N ILE B 260 17.12 -8.64 14.65
CA ILE B 260 17.60 -8.69 13.22
C ILE B 260 17.40 -10.13 12.67
N THR B 261 17.73 -11.13 13.45
CA THR B 261 17.67 -12.55 13.06
C THR B 261 16.21 -12.92 12.75
N PHE B 262 15.30 -12.52 13.61
CA PHE B 262 13.86 -12.85 13.46
C PHE B 262 13.31 -12.16 12.23
N LEU B 263 13.78 -10.94 11.96
CA LEU B 263 13.26 -10.19 10.77
C LEU B 263 13.78 -10.85 9.49
N ILE B 264 15.06 -11.26 9.45
CA ILE B 264 15.59 -12.06 8.31
C ILE B 264 14.68 -13.29 8.09
N ALA B 265 14.46 -14.09 9.13
CA ALA B 265 13.60 -15.30 9.03
C ALA B 265 12.20 -14.91 8.51
N GLY B 266 11.57 -13.88 9.06
CA GLY B 266 10.18 -13.56 8.68
C GLY B 266 10.04 -13.17 7.20
N HIS B 267 11.00 -12.40 6.70
CA HIS B 267 11.12 -11.96 5.30
C HIS B 267 11.41 -13.14 4.37
N GLU B 268 12.38 -13.98 4.74
CA GLU B 268 13.01 -14.93 3.78
C GLU B 268 12.31 -16.28 3.72
N THR B 269 11.96 -16.90 4.85
CA THR B 269 11.67 -18.36 4.90
C THR B 269 10.17 -18.62 4.80
N THR B 270 9.36 -18.14 5.72
CA THR B 270 7.93 -18.55 5.76
C THR B 270 7.29 -18.09 4.43
N SER B 271 7.72 -16.94 3.88
CA SER B 271 7.13 -16.41 2.62
C SER B 271 7.42 -17.40 1.48
N GLY B 272 8.63 -17.99 1.44
CA GLY B 272 9.01 -19.01 0.45
C GLY B 272 8.09 -20.22 0.55
N LEU B 273 7.90 -20.73 1.77
CA LEU B 273 7.01 -21.89 2.03
C LEU B 273 5.62 -21.60 1.46
N LEU B 274 4.99 -20.47 1.81
CA LEU B 274 3.60 -20.20 1.39
C LEU B 274 3.52 -20.12 -0.15
N SER B 275 4.55 -19.56 -0.78
CA SER B 275 4.68 -19.34 -2.25
C SER B 275 4.81 -20.70 -2.95
N PHE B 276 5.68 -21.56 -2.45
CA PHE B 276 5.85 -22.94 -3.00
C PHE B 276 4.55 -23.72 -2.77
N ALA B 277 3.93 -23.57 -1.59
CA ALA B 277 2.69 -24.32 -1.27
C ALA B 277 1.61 -23.93 -2.26
N LEU B 278 1.45 -22.62 -2.55
CA LEU B 278 0.42 -22.19 -3.54
C LEU B 278 0.80 -22.70 -4.95
N TYR B 279 2.06 -22.62 -5.34
CA TYR B 279 2.52 -23.11 -6.64
C TYR B 279 2.11 -24.59 -6.79
N PHE B 280 2.38 -25.42 -5.79
CA PHE B 280 2.09 -26.88 -5.88
C PHE B 280 0.58 -27.08 -5.92
N LEU B 281 -0.19 -26.28 -5.18
CA LEU B 281 -1.65 -26.45 -5.11
C LEU B 281 -2.27 -26.13 -6.49
N VAL B 282 -1.75 -25.12 -7.20
CA VAL B 282 -2.32 -24.72 -8.53
C VAL B 282 -1.81 -25.71 -9.59
N LYS B 283 -0.60 -26.26 -9.46
CA LYS B 283 -0.04 -27.26 -10.40
C LYS B 283 -0.64 -28.64 -10.16
N ASN B 284 -1.47 -28.83 -9.12
CA ASN B 284 -1.95 -30.16 -8.66
C ASN B 284 -3.38 -29.98 -8.21
N PRO B 285 -4.35 -29.77 -9.13
CA PRO B 285 -5.71 -29.38 -8.77
C PRO B 285 -6.46 -30.32 -7.82
N HIS B 286 -6.21 -31.63 -7.88
CA HIS B 286 -6.85 -32.64 -7.00
C HIS B 286 -6.50 -32.34 -5.54
N VAL B 287 -5.23 -31.99 -5.31
N VAL B 287 -5.23 -32.02 -5.25
CA VAL B 287 -4.70 -31.70 -3.94
CA VAL B 287 -4.79 -31.74 -3.85
C VAL B 287 -5.34 -30.37 -3.48
C VAL B 287 -5.30 -30.35 -3.44
N LEU B 288 -5.32 -29.37 -4.36
CA LEU B 288 -5.92 -28.03 -4.05
C LEU B 288 -7.32 -28.29 -3.54
N GLN B 289 -8.12 -29.08 -4.28
CA GLN B 289 -9.55 -29.28 -3.94
C GLN B 289 -9.69 -29.89 -2.54
N LYS B 290 -8.86 -30.88 -2.19
CA LYS B 290 -8.97 -31.61 -0.89
C LYS B 290 -8.62 -30.66 0.27
N ALA B 291 -7.53 -29.88 0.10
CA ALA B 291 -7.17 -28.82 1.07
C ALA B 291 -8.31 -27.80 1.15
N ALA B 292 -8.85 -27.33 0.01
CA ALA B 292 -9.99 -26.37 0.04
C ALA B 292 -11.15 -26.98 0.84
N GLU B 293 -11.39 -28.30 0.71
CA GLU B 293 -12.52 -28.95 1.43
C GLU B 293 -12.27 -28.87 2.94
N GLU B 294 -11.05 -29.14 3.41
CA GLU B 294 -10.75 -29.09 4.88
C GLU B 294 -10.97 -27.67 5.40
N ALA B 295 -10.45 -26.68 4.66
CA ALA B 295 -10.56 -25.23 4.99
C ALA B 295 -12.02 -24.88 5.25
N ALA B 296 -12.88 -25.24 4.28
CA ALA B 296 -14.34 -24.98 4.34
C ALA B 296 -14.93 -25.67 5.57
N ARG B 297 -14.63 -26.96 5.75
N ARG B 297 -14.67 -26.97 5.75
CA ARG B 297 -15.16 -27.80 6.85
CA ARG B 297 -15.21 -27.76 6.90
C ARG B 297 -14.74 -27.21 8.20
C ARG B 297 -14.76 -27.13 8.22
N VAL B 298 -13.48 -26.73 8.34
CA VAL B 298 -12.91 -26.38 9.68
C VAL B 298 -13.11 -24.91 10.03
N LEU B 299 -12.84 -23.99 9.09
CA LEU B 299 -12.85 -22.53 9.38
C LEU B 299 -14.29 -22.00 9.26
N VAL B 300 -15.13 -22.28 10.26
CA VAL B 300 -16.61 -22.03 10.27
C VAL B 300 -16.89 -20.64 10.86
N ASP B 301 -15.85 -19.87 11.17
CA ASP B 301 -16.01 -18.53 11.80
C ASP B 301 -15.34 -17.48 10.92
N PRO B 302 -15.76 -16.21 11.06
CA PRO B 302 -15.24 -15.12 10.25
C PRO B 302 -13.71 -15.05 10.36
N VAL B 303 -13.26 -15.16 11.62
N VAL B 303 -13.20 -15.07 11.59
CA VAL B 303 -11.84 -15.14 12.10
CA VAL B 303 -11.73 -15.16 11.88
C VAL B 303 -11.45 -16.55 12.58
C VAL B 303 -11.41 -16.48 12.55
N PRO B 304 -10.41 -17.22 12.02
CA PRO B 304 -9.95 -18.47 12.64
C PRO B 304 -9.49 -18.28 14.10
N SER B 305 -9.73 -19.31 14.90
CA SER B 305 -9.20 -19.48 16.28
C SER B 305 -7.91 -20.32 16.19
N TYR B 306 -7.06 -20.21 17.20
CA TYR B 306 -5.90 -21.13 17.43
C TYR B 306 -6.35 -22.58 17.29
N LYS B 307 -7.41 -23.01 17.97
CA LYS B 307 -7.85 -24.43 17.95
C LYS B 307 -8.23 -24.86 16.55
N GLN B 308 -8.86 -24.01 15.76
CA GLN B 308 -9.21 -24.37 14.38
C GLN B 308 -7.95 -24.58 13.52
N VAL B 309 -6.98 -23.68 13.62
CA VAL B 309 -5.72 -23.86 12.84
C VAL B 309 -5.12 -25.23 13.19
N LYS B 310 -5.18 -25.63 14.48
CA LYS B 310 -4.63 -26.94 14.92
C LYS B 310 -5.35 -28.09 14.20
N GLN B 311 -6.59 -27.91 13.70
CA GLN B 311 -7.39 -28.96 13.01
C GLN B 311 -7.24 -28.92 11.50
N LEU B 312 -6.46 -28.00 10.94
CA LEU B 312 -6.17 -28.02 9.48
C LEU B 312 -5.05 -29.02 9.20
N LYS B 313 -5.31 -30.31 9.42
CA LYS B 313 -4.26 -31.38 9.36
C LYS B 313 -3.76 -31.52 7.92
N TYR B 314 -4.64 -31.54 6.91
CA TYR B 314 -4.24 -31.78 5.51
C TYR B 314 -3.42 -30.59 5.00
N VAL B 315 -3.83 -29.39 5.36
CA VAL B 315 -3.06 -28.15 5.03
C VAL B 315 -1.64 -28.30 5.60
N GLY B 316 -1.51 -28.78 6.85
CA GLY B 316 -0.22 -29.09 7.47
C GLY B 316 0.59 -30.07 6.65
N MET B 317 -0.08 -31.05 6.06
CA MET B 317 0.58 -32.05 5.17
C MET B 317 0.99 -31.42 3.84
N VAL B 318 0.18 -30.49 3.30
CA VAL B 318 0.52 -29.75 2.05
C VAL B 318 1.78 -28.92 2.33
N LEU B 319 1.88 -28.33 3.52
CA LEU B 319 3.05 -27.50 3.88
C LEU B 319 4.27 -28.41 3.98
N ASN B 320 4.17 -29.57 4.63
CA ASN B 320 5.32 -30.50 4.70
C ASN B 320 5.76 -30.94 3.29
N GLU B 321 4.80 -31.19 2.38
CA GLU B 321 5.10 -31.70 1.01
C GLU B 321 5.78 -30.61 0.16
N ALA B 322 5.40 -29.33 0.36
CA ALA B 322 6.12 -28.16 -0.20
C ALA B 322 7.52 -28.05 0.35
N LEU B 323 7.69 -28.16 1.67
CA LEU B 323 9.04 -28.24 2.31
C LEU B 323 9.87 -29.42 1.79
N ARG B 324 9.22 -30.53 1.43
CA ARG B 324 9.97 -31.70 0.92
C ARG B 324 10.56 -31.29 -0.44
N LEU B 325 9.75 -30.87 -1.38
CA LEU B 325 10.24 -30.65 -2.77
C LEU B 325 11.05 -29.35 -2.89
N TRP B 326 10.68 -28.29 -2.16
CA TRP B 326 11.48 -27.04 -2.19
C TRP B 326 11.67 -26.48 -0.79
N PRO B 327 12.58 -27.07 0.01
CA PRO B 327 12.86 -26.53 1.34
C PRO B 327 13.44 -25.13 1.14
N THR B 328 12.69 -24.12 1.58
N THR B 328 12.69 -24.12 1.58
CA THR B 328 13.01 -22.70 1.30
CA THR B 328 13.02 -22.69 1.33
C THR B 328 14.34 -22.35 1.96
C THR B 328 14.37 -22.36 1.95
N ALA B 329 14.67 -22.97 3.10
CA ALA B 329 16.01 -22.94 3.71
C ALA B 329 16.73 -24.17 3.15
N PRO B 330 17.68 -24.01 2.21
CA PRO B 330 18.09 -25.12 1.35
C PRO B 330 19.22 -25.97 1.91
N ALA B 331 19.93 -25.51 2.94
CA ALA B 331 21.15 -26.21 3.40
C ALA B 331 21.48 -25.80 4.82
N PHE B 332 22.27 -26.65 5.49
CA PHE B 332 22.99 -26.35 6.74
C PHE B 332 24.30 -27.11 6.71
N SER B 333 25.16 -26.73 7.63
CA SER B 333 26.57 -27.16 7.67
C SER B 333 26.85 -27.73 9.04
N LEU B 334 27.73 -28.73 9.06
CA LEU B 334 28.15 -29.47 10.27
C LEU B 334 29.67 -29.63 10.24
N TYR B 335 30.29 -29.76 11.41
CA TYR B 335 31.72 -30.11 11.54
C TYR B 335 31.81 -31.35 12.43
N ALA B 336 32.77 -32.23 12.15
CA ALA B 336 33.10 -33.39 13.03
C ALA B 336 33.63 -32.95 14.40
N LYS B 337 33.00 -33.42 15.48
CA LYS B 337 33.46 -33.12 16.86
C LYS B 337 34.76 -33.87 17.16
N GLU B 338 34.90 -35.06 16.57
CA GLU B 338 36.14 -35.90 16.65
C GLU B 338 36.31 -36.64 15.32
N ASP B 339 37.46 -37.31 15.15
CA ASP B 339 37.66 -38.27 14.03
C ASP B 339 36.51 -39.25 14.07
N THR B 340 36.01 -39.62 12.89
N THR B 340 36.08 -39.70 12.89
CA THR B 340 34.84 -40.52 12.73
CA THR B 340 34.89 -40.55 12.74
C THR B 340 34.84 -41.02 11.29
C THR B 340 34.78 -40.97 11.27
N VAL B 341 34.09 -42.08 11.00
CA VAL B 341 33.90 -42.61 9.62
C VAL B 341 32.44 -42.44 9.27
N LEU B 342 32.16 -41.91 8.08
N LEU B 342 32.18 -41.89 8.09
CA LEU B 342 30.77 -41.68 7.62
CA LEU B 342 30.81 -41.69 7.54
C LEU B 342 30.37 -42.84 6.70
C LEU B 342 30.42 -42.92 6.73
N GLY B 343 29.24 -43.49 6.99
CA GLY B 343 28.65 -44.57 6.18
C GLY B 343 29.61 -45.75 6.00
N GLY B 344 30.54 -45.93 6.95
CA GLY B 344 31.61 -46.95 6.89
C GLY B 344 32.47 -46.87 5.63
N GLU B 345 32.56 -45.72 4.94
CA GLU B 345 33.31 -45.57 3.66
C GLU B 345 34.22 -44.34 3.71
N TYR B 346 33.75 -43.24 4.27
CA TYR B 346 34.38 -41.91 4.09
C TYR B 346 34.92 -41.46 5.44
N PRO B 347 36.23 -41.67 5.71
CA PRO B 347 36.85 -41.23 6.96
C PRO B 347 36.98 -39.70 7.05
N LEU B 348 36.66 -39.13 8.20
CA LEU B 348 36.79 -37.66 8.43
C LEU B 348 37.65 -37.46 9.68
N GLU B 349 38.38 -36.34 9.73
CA GLU B 349 39.06 -35.87 10.95
C GLU B 349 38.22 -34.80 11.64
N LYS B 350 38.38 -34.70 12.97
CA LYS B 350 37.97 -33.56 13.82
C LYS B 350 38.10 -32.24 13.06
N GLY B 351 36.98 -31.51 12.91
CA GLY B 351 36.97 -30.17 12.32
C GLY B 351 36.54 -30.19 10.87
N ASP B 352 36.56 -31.36 10.24
CA ASP B 352 36.13 -31.57 8.83
C ASP B 352 34.67 -31.13 8.70
N GLU B 353 34.36 -30.34 7.68
N GLU B 353 34.39 -30.39 7.62
CA GLU B 353 32.99 -29.78 7.55
CA GLU B 353 33.06 -29.75 7.36
C GLU B 353 32.21 -30.60 6.52
C GLU B 353 32.20 -30.64 6.46
N LEU B 354 30.87 -30.59 6.67
CA LEU B 354 29.88 -31.19 5.77
C LEU B 354 28.85 -30.12 5.40
N MET B 355 28.22 -30.24 4.26
CA MET B 355 27.02 -29.45 3.90
C MET B 355 25.92 -30.47 3.63
N VAL B 356 24.75 -30.28 4.23
CA VAL B 356 23.51 -31.05 3.93
C VAL B 356 22.73 -30.30 2.86
N LEU B 357 22.69 -30.86 1.66
N LEU B 357 22.54 -30.98 1.73
CA LEU B 357 21.93 -30.30 0.53
CA LEU B 357 21.91 -30.44 0.50
C LEU B 357 20.51 -30.83 0.69
C LEU B 357 20.42 -30.79 0.54
N ILE B 358 19.63 -30.03 1.29
CA ILE B 358 18.29 -30.49 1.74
C ILE B 358 17.40 -30.90 0.57
N PRO B 359 17.30 -30.11 -0.52
CA PRO B 359 16.39 -30.47 -1.61
C PRO B 359 16.76 -31.85 -2.19
N GLN B 360 18.05 -32.23 -2.17
CA GLN B 360 18.52 -33.53 -2.70
C GLN B 360 18.11 -34.64 -1.73
N LEU B 361 18.37 -34.47 -0.43
CA LEU B 361 17.94 -35.41 0.64
C LEU B 361 16.46 -35.75 0.40
N HIS B 362 15.64 -34.75 0.14
CA HIS B 362 14.19 -34.89 0.01
C HIS B 362 13.81 -35.58 -1.30
N ARG B 363 14.79 -35.88 -2.15
CA ARG B 363 14.57 -36.54 -3.46
C ARG B 363 15.15 -37.97 -3.45
N ASP B 364 15.57 -38.47 -2.29
CA ASP B 364 16.19 -39.81 -2.14
C ASP B 364 15.13 -40.88 -2.47
N LYS B 365 15.31 -41.58 -3.59
CA LYS B 365 14.31 -42.55 -4.11
C LYS B 365 14.20 -43.75 -3.15
N THR B 366 15.29 -44.08 -2.48
CA THR B 366 15.38 -45.20 -1.52
C THR B 366 14.46 -44.90 -0.32
N ILE B 367 14.07 -43.64 -0.09
CA ILE B 367 13.13 -43.22 1.01
C ILE B 367 11.73 -43.07 0.46
N TRP B 368 11.54 -42.29 -0.59
CA TRP B 368 10.21 -41.77 -0.98
C TRP B 368 9.61 -42.66 -2.10
N GLY B 369 10.42 -43.50 -2.74
CA GLY B 369 9.99 -44.34 -3.87
C GLY B 369 10.09 -43.61 -5.19
N ASP B 370 9.33 -44.05 -6.20
CA ASP B 370 9.52 -43.58 -7.61
C ASP B 370 8.59 -42.39 -7.89
N ASP B 371 7.52 -42.19 -7.10
CA ASP B 371 6.64 -40.99 -7.21
C ASP B 371 7.32 -39.76 -6.55
N VAL B 372 8.65 -39.75 -6.42
CA VAL B 372 9.44 -38.80 -5.57
C VAL B 372 9.26 -37.35 -6.04
N GLU B 373 9.14 -37.14 -7.35
CA GLU B 373 8.97 -35.79 -7.94
C GLU B 373 7.48 -35.39 -7.89
N GLU B 374 6.56 -36.28 -7.53
CA GLU B 374 5.10 -35.98 -7.46
C GLU B 374 4.80 -35.23 -6.16
N PHE B 375 3.78 -34.37 -6.20
CA PHE B 375 3.30 -33.62 -5.02
C PHE B 375 2.18 -34.43 -4.41
N ARG B 376 2.50 -35.21 -3.37
CA ARG B 376 1.51 -36.07 -2.66
C ARG B 376 1.61 -35.85 -1.15
N PRO B 377 0.80 -34.91 -0.59
CA PRO B 377 0.81 -34.63 0.84
C PRO B 377 0.58 -35.87 1.73
N GLU B 378 -0.11 -36.88 1.16
CA GLU B 378 -0.52 -38.10 1.90
C GLU B 378 0.72 -38.85 2.40
N ARG B 379 1.87 -38.64 1.75
N ARG B 379 1.89 -38.66 1.81
CA ARG B 379 3.25 -39.05 2.17
CA ARG B 379 3.09 -39.38 2.28
C ARG B 379 3.41 -38.88 3.68
C ARG B 379 3.53 -38.82 3.65
N PHE B 380 2.81 -37.84 4.23
CA PHE B 380 3.03 -37.38 5.63
C PHE B 380 1.94 -37.84 6.59
N GLU B 381 1.06 -38.75 6.16
N GLU B 381 1.03 -38.74 6.20
CA GLU B 381 -0.06 -39.26 7.01
CA GLU B 381 -0.08 -39.18 7.09
C GLU B 381 0.48 -39.85 8.32
C GLU B 381 0.48 -39.84 8.36
N ASN B 382 1.61 -40.55 8.28
CA ASN B 382 2.16 -41.33 9.41
C ASN B 382 3.66 -41.06 9.55
N PRO B 383 4.09 -40.14 10.45
CA PRO B 383 5.53 -39.89 10.69
C PRO B 383 6.34 -41.12 11.09
N SER B 384 5.69 -42.10 11.70
CA SER B 384 6.35 -43.37 12.09
C SER B 384 6.75 -44.18 10.84
N ALA B 385 6.17 -43.91 9.68
CA ALA B 385 6.47 -44.65 8.43
C ALA B 385 7.65 -43.98 7.70
N ILE B 386 8.09 -42.83 8.18
CA ILE B 386 9.19 -42.06 7.54
C ILE B 386 10.48 -42.38 8.29
N PRO B 387 11.51 -42.88 7.57
CA PRO B 387 12.79 -43.21 8.19
C PRO B 387 13.41 -42.00 8.89
N GLN B 388 14.30 -42.25 9.86
CA GLN B 388 14.94 -41.20 10.66
C GLN B 388 15.77 -40.28 9.76
N HIS B 389 15.60 -38.97 9.96
CA HIS B 389 16.42 -37.91 9.34
C HIS B 389 16.21 -37.88 7.82
N ALA B 390 15.04 -38.33 7.34
CA ALA B 390 14.70 -38.28 5.91
C ALA B 390 14.24 -36.86 5.53
N PHE B 391 13.64 -36.14 6.48
CA PHE B 391 12.93 -34.86 6.24
C PHE B 391 13.52 -33.80 7.17
N LYS B 392 14.29 -32.85 6.64
CA LYS B 392 15.09 -31.90 7.49
C LYS B 392 14.94 -30.43 7.09
N PRO B 393 13.72 -29.94 6.80
CA PRO B 393 13.53 -28.54 6.37
C PRO B 393 13.77 -27.47 7.45
N PHE B 394 13.80 -27.88 8.71
CA PHE B 394 14.03 -27.00 9.89
C PHE B 394 15.36 -27.33 10.55
N GLY B 395 16.21 -28.09 9.85
CA GLY B 395 17.56 -28.43 10.36
C GLY B 395 17.51 -29.55 11.38
N ASN B 396 18.42 -29.58 12.35
CA ASN B 396 18.70 -30.80 13.14
C ASN B 396 18.95 -30.49 14.62
N GLY B 397 18.30 -31.27 15.50
CA GLY B 397 18.67 -31.37 16.93
C GLY B 397 18.48 -30.05 17.68
N GLN B 398 19.37 -29.75 18.62
CA GLN B 398 19.34 -28.54 19.46
C GLN B 398 19.53 -27.27 18.62
N ARG B 399 20.11 -27.38 17.43
CA ARG B 399 20.36 -26.24 16.51
C ARG B 399 19.32 -26.23 15.40
N ALA B 400 18.21 -26.90 15.60
CA ALA B 400 17.05 -26.85 14.69
C ALA B 400 16.40 -25.47 14.82
N CYS B 401 15.59 -25.12 13.82
CA CYS B 401 14.82 -23.85 13.77
C CYS B 401 14.00 -23.64 15.05
N ILE B 402 14.30 -22.59 15.80
CA ILE B 402 13.47 -22.24 17.00
C ILE B 402 12.07 -21.72 16.55
N GLY B 403 11.95 -21.25 15.32
CA GLY B 403 10.74 -20.63 14.77
C GLY B 403 9.79 -21.63 14.13
N GLN B 404 10.04 -22.92 14.23
CA GLN B 404 9.29 -23.90 13.41
C GLN B 404 7.79 -23.86 13.74
N GLN B 405 7.43 -23.80 15.02
N GLN B 405 7.44 -23.80 15.03
CA GLN B 405 6.00 -23.81 15.43
CA GLN B 405 6.00 -23.77 15.46
C GLN B 405 5.38 -22.46 15.06
C GLN B 405 5.41 -22.46 14.95
N PHE B 406 6.16 -21.36 15.05
CA PHE B 406 5.69 -20.03 14.62
C PHE B 406 5.34 -20.09 13.12
N ALA B 407 6.33 -20.52 12.32
CA ALA B 407 6.26 -20.55 10.84
C ALA B 407 5.08 -21.42 10.45
N LEU B 408 4.94 -22.61 11.05
CA LEU B 408 3.91 -23.57 10.59
C LEU B 408 2.54 -23.08 11.05
N HIS B 409 2.46 -22.41 12.20
CA HIS B 409 1.16 -21.84 12.66
C HIS B 409 0.69 -20.77 11.65
N GLU B 410 1.55 -19.79 11.40
CA GLU B 410 1.27 -18.69 10.46
C GLU B 410 0.92 -19.30 9.09
N ALA B 411 1.74 -20.20 8.56
CA ALA B 411 1.53 -20.71 7.18
C ALA B 411 0.21 -21.50 7.10
N THR B 412 -0.11 -22.30 8.12
CA THR B 412 -1.36 -23.09 8.18
C THR B 412 -2.57 -22.14 8.24
N LEU B 413 -2.52 -21.13 9.11
CA LEU B 413 -3.58 -20.10 9.26
C LEU B 413 -3.84 -19.43 7.90
N VAL B 414 -2.79 -18.92 7.30
CA VAL B 414 -2.91 -18.10 6.06
C VAL B 414 -3.35 -18.98 4.88
N LEU B 415 -2.72 -20.14 4.68
CA LEU B 415 -3.09 -21.03 3.55
C LEU B 415 -4.54 -21.47 3.73
N GLY B 416 -4.93 -21.72 4.98
CA GLY B 416 -6.31 -22.04 5.37
C GLY B 416 -7.29 -20.98 4.93
N MET B 417 -6.99 -19.73 5.27
CA MET B 417 -7.84 -18.56 4.95
C MET B 417 -7.90 -18.38 3.44
N MET B 418 -6.78 -18.52 2.74
CA MET B 418 -6.69 -18.39 1.27
C MET B 418 -7.58 -19.44 0.59
N LEU B 419 -7.50 -20.69 1.02
CA LEU B 419 -8.28 -21.80 0.41
C LEU B 419 -9.77 -21.64 0.75
N LYS B 420 -10.09 -21.05 1.89
CA LYS B 420 -11.49 -20.79 2.31
C LYS B 420 -12.12 -19.71 1.44
N HIS B 421 -11.36 -18.65 1.07
CA HIS B 421 -11.98 -17.38 0.58
C HIS B 421 -11.91 -17.27 -0.94
N PHE B 422 -11.00 -17.97 -1.61
CA PHE B 422 -10.73 -17.85 -3.06
C PHE B 422 -10.60 -19.23 -3.72
N ASP B 423 -11.04 -19.29 -4.98
CA ASP B 423 -10.52 -20.22 -6.02
C ASP B 423 -9.31 -19.56 -6.66
N PHE B 424 -8.34 -20.34 -7.14
CA PHE B 424 -7.12 -19.82 -7.81
C PHE B 424 -6.99 -20.33 -9.24
N GLU B 425 -6.32 -19.54 -10.08
CA GLU B 425 -6.05 -19.92 -11.48
C GLU B 425 -4.61 -19.57 -11.84
N ASP B 426 -3.90 -20.58 -12.34
CA ASP B 426 -2.57 -20.46 -13.00
C ASP B 426 -2.78 -19.93 -14.42
N HIS B 427 -3.30 -18.69 -14.55
CA HIS B 427 -3.70 -18.03 -15.83
C HIS B 427 -2.52 -17.91 -16.81
N THR B 428 -1.29 -18.10 -16.34
CA THR B 428 -0.03 -17.86 -17.07
C THR B 428 0.57 -19.20 -17.52
N ASN B 429 0.04 -20.31 -17.02
CA ASN B 429 0.77 -21.61 -16.95
C ASN B 429 2.22 -21.34 -16.50
N TYR B 430 2.37 -20.76 -15.30
CA TYR B 430 3.67 -20.33 -14.74
C TYR B 430 4.70 -21.47 -14.84
N GLU B 431 5.89 -21.14 -15.30
CA GLU B 431 7.06 -22.03 -15.38
C GLU B 431 7.97 -21.75 -14.18
N LEU B 432 8.20 -22.74 -13.33
CA LEU B 432 8.95 -22.54 -12.07
C LEU B 432 10.29 -21.92 -12.41
N ASP B 433 10.55 -20.75 -11.84
CA ASP B 433 11.86 -20.10 -11.88
C ASP B 433 12.21 -19.80 -10.41
N ILE B 434 13.29 -20.38 -9.91
CA ILE B 434 13.56 -20.33 -8.45
C ILE B 434 14.72 -19.36 -8.23
N LYS B 435 14.40 -18.29 -7.53
CA LYS B 435 15.37 -17.24 -7.21
C LYS B 435 15.99 -17.57 -5.86
N GLU B 436 17.29 -17.37 -5.73
CA GLU B 436 18.06 -17.71 -4.51
C GLU B 436 18.56 -16.44 -3.84
N THR B 437 18.07 -16.17 -2.63
CA THR B 437 18.63 -15.15 -1.71
C THR B 437 19.33 -15.94 -0.60
N LEU B 438 18.99 -15.66 0.66
CA LEU B 438 19.33 -16.57 1.77
C LEU B 438 18.56 -17.87 1.51
N THR B 439 17.39 -17.73 0.89
CA THR B 439 16.36 -18.78 0.75
C THR B 439 15.98 -18.91 -0.72
N LEU B 440 15.13 -19.90 -0.98
CA LEU B 440 14.51 -20.22 -2.28
C LEU B 440 13.09 -19.68 -2.29
N LYS B 441 12.74 -18.99 -3.37
CA LYS B 441 11.37 -18.53 -3.64
C LYS B 441 11.07 -18.65 -5.13
N PRO B 442 9.81 -18.91 -5.48
CA PRO B 442 9.38 -18.81 -6.86
C PRO B 442 9.52 -17.32 -7.21
N GLU B 443 10.10 -17.04 -8.37
CA GLU B 443 10.17 -15.67 -8.93
C GLU B 443 9.16 -15.56 -10.06
N GLY B 444 8.39 -14.47 -10.12
CA GLY B 444 7.42 -14.24 -11.21
C GLY B 444 6.16 -15.07 -11.08
N PHE B 445 6.02 -15.81 -9.99
CA PHE B 445 4.80 -16.60 -9.77
C PHE B 445 3.60 -15.66 -9.57
N VAL B 446 2.56 -15.80 -10.40
CA VAL B 446 1.31 -14.99 -10.38
C VAL B 446 0.15 -15.94 -10.57
N VAL B 447 -1.00 -15.58 -10.03
CA VAL B 447 -2.27 -16.33 -10.08
C VAL B 447 -3.38 -15.29 -10.13
N LYS B 448 -4.56 -15.72 -10.54
CA LYS B 448 -5.82 -14.98 -10.39
C LYS B 448 -6.61 -15.65 -9.29
N ALA B 449 -7.28 -14.85 -8.48
CA ALA B 449 -8.07 -15.30 -7.33
C ALA B 449 -9.51 -14.83 -7.49
N LYS B 450 -10.39 -15.78 -7.85
CA LYS B 450 -11.86 -15.60 -7.93
C LYS B 450 -12.42 -15.74 -6.52
N SER B 451 -13.03 -14.70 -5.97
CA SER B 451 -13.57 -14.68 -4.58
C SER B 451 -14.74 -15.64 -4.45
N LYS B 452 -14.88 -16.26 -3.28
CA LYS B 452 -16.03 -17.09 -2.87
C LYS B 452 -17.01 -16.18 -2.13
N LYS B 453 -16.75 -14.88 -2.10
CA LYS B 453 -17.64 -13.88 -1.51
C LYS B 453 -18.09 -14.42 -0.15
N ILE B 454 -17.17 -14.85 0.70
CA ILE B 454 -17.49 -15.21 2.10
C ILE B 454 -17.01 -14.10 3.01
N PRO B 455 -17.88 -13.53 3.86
CA PRO B 455 -17.55 -12.38 4.70
C PRO B 455 -16.45 -12.69 5.73
N LEU B 456 -15.68 -11.66 6.11
CA LEU B 456 -14.77 -11.70 7.27
C LEU B 456 -15.51 -11.07 8.45
#